data_6ZPV
#
_entry.id   6ZPV
#
_cell.length_a   83.953
_cell.length_b   83.953
_cell.length_c   256.589
_cell.angle_alpha   90.000
_cell.angle_beta   90.000
_cell.angle_gamma   90.000
#
_symmetry.space_group_name_H-M   'P 43 21 2'
#
loop_
_entity.id
_entity.type
_entity.pdbx_description
1 polymer MgGH51
2 branched alpha-D-mannopyranose-(1-3)-alpha-D-mannopyranose-(1-6)-[alpha-D-mannopyranose-(1-3)]beta-D-mannopyranose-(1-4)-2-acetamido-2-deoxy-beta-D-glucopyranose-(1-4)-2-acetamido-2-deoxy-beta-D-glucopyranose
3 branched 2-acetamido-2-deoxy-beta-D-glucopyranose-(1-4)-2-acetamido-2-deoxy-beta-D-glucopyranose
4 branched alpha-D-mannopyranose-(1-2)-alpha-D-mannopyranose-(1-3)-beta-D-mannopyranose-(1-4)-2-acetamido-2-deoxy-beta-D-glucopyranose-(1-4)-2-acetamido-2-deoxy-beta-D-glucopyranose
5 non-polymer GLYCEROL
6 non-polymer 'ACETATE ION'
7 non-polymer 'SULFATE ION'
8 water water
#
_entity_poly.entity_id   1
_entity_poly.type   'polypeptide(L)'
_entity_poly.pdbx_seq_one_letter_code
;VTVTVNKNPSHTVPSTLYGLMFEDINHSGDGGLYAELLQNRAFQQVTPNTAAALAAWHPISNAKLAVIQDPSPVSNALPN
SLQFSVPSGSSGRVGFTNEGFWGIKVDSTWTYKASLFFRFPTSSSFSGALTVGLQTNAGRVLAQNSTQIRGTTTKWTQIN
LELHPTASAPDVSNSFFVTIDGAAGAGQTINFAMFSLFPPTFKNRPNGLRADIAETLAEMGPSFFRFPGGNNLEGQTTAT
RWQWNATVGSLLDRPGRVGDWGYVNTDGLGLLEYLQFFEDTGMEPIMAVWAGYSLGGTSLAENQLAPYIQQAIDQINFVI
GDPAKSAPAALRASLGHPEPFTLRFVEVGNEDFFAAGSYPYRWHDFVTALQAQFPQIRFIATTNAWNPVLSPVPQSYDVH
VYQTPTWFYQNAFYYDGFQRNGTTYFEGEYAAISTNANDLFGTVADGRLAFPTVQSATGEAAFMTGLERNSDIVFAASYA
PLLQHVNSTQWTPDLVSYDAGSVIKSTSFFAQKLFALNKGDQYLPSTLPTNGGTLHWSITRASSSGKTFIKIANAGSSAQ
SLTFQLTQFNSVSSTGTLQVLTGPETASNTPEAPQAIVPKTSTIGTGKTFTYNAPAFSVSVITVTTN
;
_entity_poly.pdbx_strand_id   AAA
#
loop_
_chem_comp.id
_chem_comp.type
_chem_comp.name
_chem_comp.formula
ACT non-polymer 'ACETATE ION' 'C2 H3 O2 -1'
BMA D-saccharide, beta linking beta-D-mannopyranose 'C6 H12 O6'
GOL non-polymer GLYCEROL 'C3 H8 O3'
MAN D-saccharide, alpha linking alpha-D-mannopyranose 'C6 H12 O6'
NAG D-saccharide, beta linking 2-acetamido-2-deoxy-beta-D-glucopyranose 'C8 H15 N O6'
SO4 non-polymer 'SULFATE ION' 'O4 S -2'
#
# COMPACT_ATOMS: atom_id res chain seq x y z
N VAL A 1 19.02 13.81 32.12
CA VAL A 1 20.03 12.80 31.87
C VAL A 1 21.09 13.38 30.94
N THR A 2 22.35 13.07 31.18
CA THR A 2 23.43 13.47 30.25
C THR A 2 23.62 12.44 29.15
N VAL A 3 23.58 12.86 27.92
CA VAL A 3 23.84 11.98 26.77
C VAL A 3 25.11 12.40 26.10
N THR A 4 26.15 11.59 26.26
CA THR A 4 27.45 11.85 25.65
C THR A 4 27.48 11.18 24.29
N VAL A 5 27.88 11.90 23.25
CA VAL A 5 27.88 11.42 21.86
C VAL A 5 29.30 11.09 21.46
N ASN A 6 29.55 9.87 21.03
CA ASN A 6 30.88 9.50 20.54
C ASN A 6 31.11 10.12 19.17
N LYS A 7 32.27 10.71 18.96
CA LYS A 7 32.62 11.27 17.65
C LYS A 7 32.91 10.18 16.62
N ASN A 8 33.17 8.97 17.03
CA ASN A 8 33.56 7.86 16.14
C ASN A 8 32.36 6.99 15.81
N PRO A 9 31.88 6.95 14.55
CA PRO A 9 30.79 6.03 14.23
C PRO A 9 31.20 4.58 14.51
N SER A 10 30.21 3.73 14.86
CA SER A 10 30.42 2.30 15.07
C SER A 10 30.06 1.48 13.83
N HIS A 11 29.17 1.94 12.98
CA HIS A 11 28.72 1.17 11.82
C HIS A 11 27.96 2.07 10.86
N THR A 12 27.78 1.58 9.67
CA THR A 12 26.98 2.24 8.63
C THR A 12 25.53 1.91 8.81
N VAL A 13 24.68 2.92 8.68
CA VAL A 13 23.22 2.73 8.73
C VAL A 13 22.80 2.35 7.33
N PRO A 14 22.17 1.17 7.13
CA PRO A 14 21.78 0.72 5.79
C PRO A 14 20.87 1.73 5.10
N SER A 15 20.98 1.81 3.77
CA SER A 15 20.06 2.66 2.98
C SER A 15 18.62 2.17 3.12
N THR A 16 18.42 0.91 3.42
CA THR A 16 17.11 0.26 3.46
C THR A 16 16.42 0.32 4.81
N LEU A 17 16.96 1.05 5.79
CA LEU A 17 16.42 0.86 7.16
C LEU A 17 14.93 1.12 7.23
N TYR A 18 14.40 2.16 6.62
CA TYR A 18 12.99 2.53 6.76
C TYR A 18 12.25 2.35 5.45
N GLY A 19 11.12 1.68 5.45
CA GLY A 19 10.32 1.50 4.22
C GLY A 19 8.90 1.16 4.50
N LEU A 20 8.20 0.66 3.50
CA LEU A 20 6.76 0.44 3.54
C LEU A 20 6.41 -1.03 3.37
N MET A 21 5.31 -1.42 4.01
CA MET A 21 4.73 -2.76 3.87
C MET A 21 3.35 -2.67 3.24
N PHE A 22 3.16 -3.36 2.09
CA PHE A 22 1.90 -3.28 1.36
C PHE A 22 1.32 -4.68 1.10
N GLU A 23 0.02 -4.77 1.34
CA GLU A 23 -0.84 -5.76 0.71
C GLU A 23 -2.17 -5.03 0.48
N ASP A 24 -3.06 -5.61 -0.33
CA ASP A 24 -4.41 -5.04 -0.50
C ASP A 24 -5.23 -5.48 0.71
N ILE A 25 -5.40 -4.56 1.67
CA ILE A 25 -6.17 -4.75 2.90
C ILE A 25 -6.85 -3.39 3.13
N ASN A 26 -8.04 -3.37 3.70
CA ASN A 26 -8.74 -2.12 3.91
C ASN A 26 -8.92 -1.33 2.61
N HIS A 27 -9.05 -2.05 1.47
CA HIS A 27 -9.14 -1.38 0.16
C HIS A 27 -7.96 -0.40 -0.03
N SER A 28 -6.78 -0.87 0.33
CA SER A 28 -5.51 -0.16 0.09
C SER A 28 -5.06 -0.23 -1.37
N GLY A 29 -5.48 -1.24 -2.10
CA GLY A 29 -5.13 -1.38 -3.54
C GLY A 29 -6.32 -0.94 -4.35
N ASP A 30 -7.23 -1.87 -4.61
CA ASP A 30 -8.53 -1.53 -5.17
C ASP A 30 -9.29 -0.61 -4.23
N GLY A 31 -9.62 0.60 -4.66
CA GLY A 31 -10.21 1.57 -3.79
C GLY A 31 -9.26 2.52 -3.07
N GLY A 32 -7.97 2.29 -3.29
CA GLY A 32 -6.92 3.01 -2.54
C GLY A 32 -5.83 3.53 -3.42
N LEU A 33 -4.65 2.91 -3.30
CA LEU A 33 -3.47 3.35 -4.12
C LEU A 33 -3.75 3.22 -5.63
N TYR A 34 -4.47 2.18 -6.04
CA TYR A 34 -4.80 2.01 -7.47
C TYR A 34 -5.88 3.02 -7.84
N ALA A 35 -5.67 3.79 -8.93
CA ALA A 35 -6.54 5.00 -9.14
C ALA A 35 -7.93 4.70 -9.69
N GLU A 36 -8.22 3.48 -10.12
CA GLU A 36 -9.55 3.16 -10.65
C GLU A 36 -10.65 3.63 -9.71
N LEU A 37 -11.70 4.23 -10.23
CA LEU A 37 -12.78 4.80 -9.42
C LEU A 37 -14.02 3.94 -9.36
N LEU A 38 -14.21 3.00 -10.27
CA LEU A 38 -15.39 2.17 -10.28
C LEU A 38 -15.16 0.89 -9.46
N GLN A 39 -16.06 0.58 -8.57
CA GLN A 39 -16.00 -0.64 -7.73
C GLN A 39 -16.69 -1.76 -8.52
N ASN A 40 -16.14 -2.97 -8.42
CA ASN A 40 -16.74 -4.12 -9.12
C ASN A 40 -16.85 -3.80 -10.63
N ARG A 41 -15.77 -3.28 -11.19
CA ARG A 41 -15.78 -2.70 -12.53
C ARG A 41 -16.02 -3.70 -13.65
N ALA A 42 -15.66 -4.96 -13.41
CA ALA A 42 -15.72 -5.99 -14.46
C ALA A 42 -16.34 -7.27 -13.94
N PHE A 43 -17.09 -7.20 -12.84
CA PHE A 43 -17.87 -8.33 -12.32
C PHE A 43 -16.94 -9.53 -12.08
N GLN A 44 -15.71 -9.27 -11.64
CA GLN A 44 -14.79 -10.38 -11.46
C GLN A 44 -15.13 -11.16 -10.19
N GLN A 45 -15.11 -12.49 -10.34
CA GLN A 45 -15.21 -13.42 -9.20
C GLN A 45 -16.50 -13.26 -8.43
N VAL A 46 -17.58 -12.90 -9.11
CA VAL A 46 -18.91 -12.90 -8.48
C VAL A 46 -19.78 -13.94 -9.18
N THR A 47 -20.88 -14.31 -8.50
CA THR A 47 -21.81 -15.35 -8.99
C THR A 47 -22.92 -14.68 -9.79
N PRO A 48 -23.10 -15.05 -11.07
CA PRO A 48 -24.20 -14.48 -11.87
C PRO A 48 -25.56 -14.60 -11.21
N ASN A 49 -26.39 -13.60 -11.54
CA ASN A 49 -27.80 -13.65 -11.15
C ASN A 49 -27.99 -13.62 -9.63
N THR A 50 -27.12 -12.89 -8.93
CA THR A 50 -27.24 -12.61 -7.50
C THR A 50 -27.13 -11.11 -7.26
N ALA A 51 -27.65 -10.64 -6.13
CA ALA A 51 -27.56 -9.23 -5.71
C ALA A 51 -26.08 -8.91 -5.50
N ALA A 52 -25.29 -9.80 -4.92
CA ALA A 52 -23.88 -9.50 -4.64
C ALA A 52 -23.14 -9.24 -5.94
N ALA A 53 -23.51 -9.88 -7.03
CA ALA A 53 -22.83 -9.65 -8.33
C ALA A 53 -23.04 -8.21 -8.80
N LEU A 54 -24.13 -7.56 -8.42
CA LEU A 54 -24.47 -6.19 -8.78
C LEU A 54 -23.91 -5.18 -7.77
N ALA A 55 -23.07 -5.60 -6.83
CA ALA A 55 -22.52 -4.68 -5.83
C ALA A 55 -21.93 -3.44 -6.50
N ALA A 56 -22.29 -2.27 -5.95
CA ALA A 56 -21.86 -0.94 -6.40
C ALA A 56 -22.66 -0.39 -7.58
N TRP A 57 -23.46 -1.23 -8.26
CA TRP A 57 -24.21 -0.84 -9.47
C TRP A 57 -25.68 -0.62 -9.14
N HIS A 58 -26.32 0.36 -9.76
CA HIS A 58 -27.71 0.69 -9.47
C HIS A 58 -28.41 1.13 -10.72
N PRO A 59 -29.71 0.84 -10.90
CA PRO A 59 -30.42 1.34 -12.08
C PRO A 59 -30.68 2.83 -12.00
N ILE A 60 -30.78 3.41 -13.18
CA ILE A 60 -31.37 4.73 -13.40
C ILE A 60 -32.75 4.46 -13.99
N SER A 61 -33.77 5.08 -13.44
CA SER A 61 -35.14 4.98 -13.96
C SER A 61 -35.53 3.51 -13.95
N ASN A 62 -36.25 3.05 -14.96
CA ASN A 62 -36.82 1.68 -15.03
C ASN A 62 -35.86 0.66 -15.64
N ALA A 63 -34.57 0.93 -15.69
CA ALA A 63 -33.60 -0.06 -16.20
C ALA A 63 -33.72 -1.40 -15.48
N LYS A 64 -33.54 -2.47 -16.22
CA LYS A 64 -33.43 -3.83 -15.67
C LYS A 64 -31.96 -4.25 -15.81
N LEU A 65 -31.37 -4.64 -14.70
CA LEU A 65 -29.96 -5.04 -14.61
C LEU A 65 -29.87 -6.49 -14.12
N ALA A 66 -28.94 -7.23 -14.64
CA ALA A 66 -28.54 -8.55 -14.09
C ALA A 66 -27.13 -8.85 -14.54
N VAL A 67 -26.34 -9.45 -13.66
CA VAL A 67 -25.02 -9.95 -14.06
C VAL A 67 -25.18 -11.37 -14.57
N ILE A 68 -24.71 -11.62 -15.78
CA ILE A 68 -24.84 -12.92 -16.45
C ILE A 68 -23.50 -13.57 -16.71
N GLN A 69 -23.48 -14.90 -16.72
CA GLN A 69 -22.37 -15.64 -17.34
C GLN A 69 -22.60 -15.48 -18.82
N ASP A 70 -21.85 -14.62 -19.48
CA ASP A 70 -22.14 -14.27 -20.87
C ASP A 70 -21.88 -15.50 -21.75
N PRO A 71 -22.82 -15.91 -22.65
CA PRO A 71 -22.49 -16.99 -23.57
C PRO A 71 -21.33 -16.66 -24.50
N SER A 72 -21.10 -15.35 -24.73
CA SER A 72 -20.00 -14.84 -25.57
C SER A 72 -19.33 -13.71 -24.81
N PRO A 73 -18.44 -14.03 -23.84
CA PRO A 73 -17.87 -12.99 -23.00
C PRO A 73 -16.85 -12.13 -23.73
N VAL A 74 -16.58 -10.95 -23.18
CA VAL A 74 -15.60 -10.05 -23.78
C VAL A 74 -14.22 -10.69 -23.85
N SER A 75 -13.90 -11.46 -22.85
CA SER A 75 -12.69 -12.30 -22.76
CA SER A 75 -12.67 -12.24 -22.69
C SER A 75 -13.00 -13.44 -21.83
N ASN A 76 -12.30 -14.57 -22.00
CA ASN A 76 -12.56 -15.68 -21.08
C ASN A 76 -12.04 -15.34 -19.68
N ALA A 77 -11.16 -14.36 -19.52
CA ALA A 77 -10.72 -13.92 -18.18
C ALA A 77 -11.84 -13.13 -17.47
N LEU A 78 -12.80 -12.63 -18.22
CA LEU A 78 -13.90 -11.79 -17.72
C LEU A 78 -15.21 -12.39 -18.19
N PRO A 79 -15.61 -13.53 -17.59
CA PRO A 79 -16.77 -14.27 -18.13
C PRO A 79 -18.12 -13.64 -17.84
N ASN A 80 -18.17 -12.65 -16.93
CA ASN A 80 -19.45 -12.03 -16.57
C ASN A 80 -19.62 -10.71 -17.28
N SER A 81 -20.89 -10.44 -17.61
CA SER A 81 -21.33 -9.19 -18.23
C SER A 81 -22.51 -8.59 -17.47
N LEU A 82 -22.68 -7.28 -17.58
CA LEU A 82 -23.88 -6.60 -17.11
C LEU A 82 -24.88 -6.63 -18.28
N GLN A 83 -26.01 -7.28 -18.05
CA GLN A 83 -27.11 -7.28 -19.01
C GLN A 83 -28.06 -6.13 -18.61
N PHE A 84 -28.18 -5.17 -19.50
CA PHE A 84 -28.98 -3.94 -19.36
C PHE A 84 -30.16 -3.96 -20.31
N SER A 85 -31.36 -3.85 -19.79
CA SER A 85 -32.57 -3.84 -20.64
CA SER A 85 -32.51 -3.76 -20.73
C SER A 85 -33.43 -2.63 -20.30
N VAL A 86 -34.05 -2.05 -21.30
CA VAL A 86 -34.98 -0.92 -21.16
C VAL A 86 -36.39 -1.47 -21.48
N PRO A 87 -37.33 -1.40 -20.53
CA PRO A 87 -38.69 -1.85 -20.82
C PRO A 87 -39.30 -1.11 -22.00
N SER A 88 -40.27 -1.78 -22.64
CA SER A 88 -41.11 -1.11 -23.64
C SER A 88 -41.80 0.07 -22.92
N GLY A 89 -42.21 1.06 -23.66
CA GLY A 89 -43.03 2.12 -23.03
C GLY A 89 -42.24 3.12 -22.21
N SER A 90 -40.98 3.39 -22.57
CA SER A 90 -40.02 4.19 -21.79
C SER A 90 -39.74 5.52 -22.45
N SER A 91 -39.16 6.40 -21.65
CA SER A 91 -38.70 7.72 -22.10
C SER A 91 -37.71 8.26 -21.06
N GLY A 92 -36.94 9.27 -21.45
CA GLY A 92 -36.00 9.91 -20.55
C GLY A 92 -34.75 9.11 -20.36
N ARG A 93 -33.81 9.64 -19.60
CA ARG A 93 -32.54 8.90 -19.42
C ARG A 93 -32.84 7.58 -18.73
N VAL A 94 -32.22 6.53 -19.22
CA VAL A 94 -32.37 5.16 -18.66
CA VAL A 94 -32.33 5.21 -18.57
C VAL A 94 -30.97 4.56 -18.69
N GLY A 95 -30.54 3.86 -17.65
CA GLY A 95 -29.19 3.37 -17.58
C GLY A 95 -28.87 2.91 -16.21
N PHE A 96 -27.64 3.23 -15.76
CA PHE A 96 -27.19 2.69 -14.46
C PHE A 96 -26.04 3.56 -13.95
N THR A 97 -25.81 3.47 -12.65
CA THR A 97 -24.73 4.13 -11.93
C THR A 97 -23.79 3.13 -11.27
N ASN A 98 -22.58 3.61 -11.03
CA ASN A 98 -21.62 2.94 -10.14
C ASN A 98 -21.30 3.95 -9.03
N GLU A 99 -21.44 3.55 -7.78
CA GLU A 99 -21.27 4.44 -6.62
C GLU A 99 -19.80 4.61 -6.26
N GLY A 100 -18.87 3.96 -6.95
CA GLY A 100 -17.46 4.05 -6.60
C GLY A 100 -17.18 3.22 -5.35
N PHE A 101 -15.99 3.51 -4.77
CA PHE A 101 -15.61 2.96 -3.45
C PHE A 101 -16.09 3.96 -2.41
N TRP A 102 -17.39 3.88 -2.13
CA TRP A 102 -18.01 4.79 -1.13
C TRP A 102 -17.85 6.27 -1.56
N GLY A 103 -18.04 6.53 -2.87
CA GLY A 103 -17.98 7.88 -3.41
C GLY A 103 -17.04 8.02 -4.54
N ILE A 104 -17.06 9.17 -5.20
CA ILE A 104 -16.15 9.56 -6.27
C ILE A 104 -15.89 11.03 -6.13
N LYS A 105 -14.65 11.42 -6.04
CA LYS A 105 -14.27 12.84 -6.03
C LYS A 105 -14.35 13.40 -7.43
N VAL A 106 -15.13 14.46 -7.58
CA VAL A 106 -15.36 15.17 -8.86
C VAL A 106 -14.74 16.54 -8.77
N ASP A 107 -13.62 16.74 -9.45
CA ASP A 107 -12.79 17.97 -9.38
C ASP A 107 -12.68 18.58 -10.77
N SER A 108 -13.02 19.85 -10.87
CA SER A 108 -12.99 20.61 -12.13
C SER A 108 -11.63 20.75 -12.75
N THR A 109 -10.56 20.56 -12.00
CA THR A 109 -9.22 20.68 -12.56
C THR A 109 -8.75 19.34 -13.15
N TRP A 110 -9.55 18.28 -13.06
CA TRP A 110 -9.18 16.93 -13.51
C TRP A 110 -9.88 16.55 -14.79
N THR A 111 -9.16 15.89 -15.70
CA THR A 111 -9.69 15.15 -16.84
C THR A 111 -9.79 13.70 -16.41
N TYR A 112 -10.90 13.08 -16.64
CA TYR A 112 -11.14 11.64 -16.35
C TYR A 112 -11.19 10.89 -17.65
N LYS A 113 -10.77 9.64 -17.60
CA LYS A 113 -10.82 8.67 -18.73
C LYS A 113 -11.85 7.60 -18.42
N ALA A 114 -12.98 7.58 -19.14
CA ALA A 114 -14.01 6.56 -19.00
C ALA A 114 -13.87 5.56 -20.15
N SER A 115 -14.11 4.30 -19.89
CA SER A 115 -14.17 3.32 -20.96
C SER A 115 -15.11 2.18 -20.55
N LEU A 116 -15.54 1.43 -21.54
CA LEU A 116 -16.38 0.26 -21.37
C LEU A 116 -16.36 -0.56 -22.64
N PHE A 117 -16.81 -1.80 -22.57
CA PHE A 117 -17.10 -2.64 -23.73
C PHE A 117 -18.58 -2.88 -23.77
N PHE A 118 -19.14 -2.97 -24.98
CA PHE A 118 -20.55 -3.33 -25.14
C PHE A 118 -20.76 -4.18 -26.38
N ARG A 119 -21.86 -4.89 -26.43
CA ARG A 119 -22.43 -5.45 -27.67
C ARG A 119 -23.91 -5.56 -27.51
N PHE A 120 -24.62 -5.54 -28.65
CA PHE A 120 -26.06 -5.89 -28.64
C PHE A 120 -26.11 -7.40 -28.85
N PRO A 121 -26.61 -8.18 -27.90
CA PRO A 121 -26.65 -9.64 -28.08
C PRO A 121 -27.57 -10.11 -29.22
N THR A 122 -28.57 -9.32 -29.57
CA THR A 122 -29.44 -9.53 -30.73
C THR A 122 -29.45 -8.25 -31.54
N SER A 123 -29.06 -8.33 -32.79
CA SER A 123 -29.04 -7.17 -33.66
C SER A 123 -30.40 -6.45 -33.66
N SER A 124 -30.37 -5.16 -33.62
CA SER A 124 -31.59 -4.34 -33.63
C SER A 124 -31.40 -3.08 -34.45
N SER A 125 -32.50 -2.40 -34.68
CA SER A 125 -32.46 -1.10 -35.41
C SER A 125 -32.17 0.09 -34.48
N PHE A 126 -31.73 -0.14 -33.25
CA PHE A 126 -31.42 1.00 -32.35
C PHE A 126 -30.46 1.93 -33.07
N SER A 127 -30.69 3.23 -32.84
CA SER A 127 -29.74 4.28 -33.29
C SER A 127 -29.84 5.44 -32.32
N GLY A 128 -28.76 5.74 -31.63
CA GLY A 128 -28.81 6.84 -30.63
C GLY A 128 -27.50 6.98 -29.91
N ALA A 129 -27.40 8.02 -29.11
CA ALA A 129 -26.17 8.30 -28.33
C ALA A 129 -26.13 7.45 -27.08
N LEU A 130 -24.92 6.97 -26.76
CA LEU A 130 -24.58 6.36 -25.46
CA LEU A 130 -24.61 6.38 -25.45
C LEU A 130 -23.86 7.47 -24.71
N THR A 131 -24.37 7.89 -23.57
CA THR A 131 -23.79 8.94 -22.74
C THR A 131 -23.14 8.29 -21.52
N VAL A 132 -21.94 8.75 -21.18
CA VAL A 132 -21.29 8.41 -19.92
C VAL A 132 -21.03 9.71 -19.14
N GLY A 133 -20.89 9.61 -17.85
CA GLY A 133 -20.64 10.84 -17.07
C GLY A 133 -20.54 10.62 -15.62
N LEU A 134 -20.48 11.76 -14.91
CA LEU A 134 -20.49 11.83 -13.46
C LEU A 134 -21.72 12.65 -13.02
N GLN A 135 -22.41 12.18 -11.98
CA GLN A 135 -23.57 12.88 -11.43
C GLN A 135 -23.43 12.93 -9.92
N THR A 136 -24.08 13.94 -9.33
CA THR A 136 -24.34 13.83 -7.90
C THR A 136 -25.23 12.62 -7.60
N ASN A 137 -25.19 12.09 -6.37
CA ASN A 137 -26.05 10.93 -6.06
C ASN A 137 -27.53 11.39 -6.10
N ALA A 138 -27.86 12.67 -6.00
CA ALA A 138 -29.27 13.16 -6.16
C ALA A 138 -29.75 13.16 -7.63
N GLY A 139 -28.82 12.99 -8.58
CA GLY A 139 -29.08 12.82 -10.01
C GLY A 139 -28.74 14.01 -10.88
N ARG A 140 -27.93 14.96 -10.42
CA ARG A 140 -27.62 16.09 -11.32
CA ARG A 140 -27.55 16.18 -11.16
C ARG A 140 -26.24 15.91 -11.93
N VAL A 141 -26.23 16.04 -13.22
CA VAL A 141 -25.03 15.77 -14.06
C VAL A 141 -23.98 16.83 -13.79
N LEU A 142 -22.78 16.33 -13.51
CA LEU A 142 -21.61 17.21 -13.33
C LEU A 142 -20.64 17.17 -14.51
N ALA A 143 -20.66 16.12 -15.30
CA ALA A 143 -19.81 15.98 -16.48
C ALA A 143 -20.44 14.89 -17.34
N GLN A 144 -20.35 15.03 -18.67
CA GLN A 144 -20.85 14.01 -19.56
C GLN A 144 -20.11 14.05 -20.90
N ASN A 145 -20.22 12.97 -21.63
CA ASN A 145 -19.70 12.86 -22.98
C ASN A 145 -20.48 11.74 -23.67
N SER A 146 -20.56 11.74 -24.95
CA SER A 146 -21.33 10.67 -25.61
CA SER A 146 -21.44 10.82 -25.70
C SER A 146 -20.73 10.29 -26.94
N THR A 147 -21.23 9.18 -27.46
CA THR A 147 -20.89 8.71 -28.80
C THR A 147 -22.08 7.98 -29.42
N GLN A 148 -22.22 8.04 -30.72
CA GLN A 148 -23.37 7.38 -31.39
C GLN A 148 -23.10 5.88 -31.48
N ILE A 149 -24.06 5.05 -31.11
CA ILE A 149 -23.99 3.60 -31.28
C ILE A 149 -25.21 3.11 -32.08
N ARG A 150 -25.09 1.89 -32.54
CA ARG A 150 -26.09 1.25 -33.39
C ARG A 150 -26.35 -0.15 -32.88
N GLY A 151 -27.62 -0.56 -32.91
CA GLY A 151 -28.05 -1.91 -32.55
C GLY A 151 -27.53 -3.01 -33.45
N THR A 152 -26.95 -2.65 -34.59
CA THR A 152 -26.29 -3.65 -35.47
C THR A 152 -24.89 -4.00 -34.96
N THR A 153 -24.42 -3.31 -33.91
CA THR A 153 -23.07 -3.62 -33.37
C THR A 153 -23.20 -4.85 -32.44
N THR A 154 -23.03 -6.02 -33.00
CA THR A 154 -23.14 -7.30 -32.32
C THR A 154 -21.76 -7.82 -31.87
N LYS A 155 -20.69 -7.18 -32.32
CA LYS A 155 -19.32 -7.53 -31.85
C LYS A 155 -18.98 -6.66 -30.63
N TRP A 156 -18.24 -7.25 -29.70
CA TRP A 156 -17.73 -6.48 -28.56
C TRP A 156 -16.93 -5.27 -29.06
N THR A 157 -17.28 -4.11 -28.52
CA THR A 157 -16.71 -2.85 -28.97
C THR A 157 -16.35 -1.98 -27.75
N GLN A 158 -15.14 -1.41 -27.75
CA GLN A 158 -14.73 -0.52 -26.69
C GLN A 158 -15.17 0.90 -27.02
N ILE A 159 -15.68 1.59 -26.01
N ILE A 159 -15.66 1.59 -26.01
CA ILE A 159 -15.95 3.05 -25.98
CA ILE A 159 -15.88 3.05 -26.02
C ILE A 159 -14.90 3.70 -25.06
C ILE A 159 -14.87 3.68 -25.08
N ASN A 160 -14.29 4.78 -25.51
CA ASN A 160 -13.33 5.57 -24.71
C ASN A 160 -13.73 7.04 -24.80
N LEU A 161 -14.13 7.62 -23.71
CA LEU A 161 -14.55 9.02 -23.67
C LEU A 161 -13.97 9.72 -22.44
N GLU A 162 -13.39 10.90 -22.65
CA GLU A 162 -12.93 11.75 -21.53
C GLU A 162 -14.12 12.47 -20.91
N LEU A 163 -13.95 12.84 -19.63
CA LEU A 163 -14.90 13.68 -18.88
C LEU A 163 -14.16 14.90 -18.29
N HIS A 164 -14.87 16.01 -18.35
N HIS A 164 -14.72 16.10 -18.50
CA HIS A 164 -14.46 17.34 -17.86
CA HIS A 164 -14.07 17.39 -18.14
C HIS A 164 -15.65 17.85 -17.06
C HIS A 164 -15.00 18.30 -17.32
N PRO A 165 -15.64 17.73 -15.72
N PRO A 165 -15.30 17.96 -16.04
CA PRO A 165 -16.77 18.21 -14.95
CA PRO A 165 -16.21 18.80 -15.27
C PRO A 165 -17.01 19.70 -15.12
C PRO A 165 -15.74 20.25 -15.13
N THR A 166 -18.30 20.07 -15.15
N THR A 166 -16.65 21.20 -15.32
CA THR A 166 -18.68 21.50 -15.21
CA THR A 166 -16.28 22.63 -15.27
C THR A 166 -18.34 22.17 -13.87
C THR A 166 -16.30 23.13 -13.83
N ALA A 167 -18.24 21.46 -12.73
N ALA A 167 -17.01 22.42 -12.97
CA ALA A 167 -17.97 22.15 -11.44
CA ALA A 167 -17.07 22.78 -11.53
C ALA A 167 -17.27 21.21 -10.47
C ALA A 167 -16.97 21.51 -10.69
N SER A 168 -16.31 21.59 -9.54
CA SER A 168 -16.14 20.51 -8.53
C SER A 168 -17.45 20.27 -7.77
N ALA A 169 -17.68 19.02 -7.35
CA ALA A 169 -18.79 18.70 -6.45
C ALA A 169 -18.49 19.15 -5.04
N PRO A 170 -19.56 19.37 -4.24
CA PRO A 170 -19.34 19.86 -2.87
C PRO A 170 -18.84 18.76 -1.92
N ASP A 171 -19.02 17.49 -2.29
CA ASP A 171 -18.63 16.34 -1.45
C ASP A 171 -18.35 15.18 -2.39
N VAL A 172 -18.11 14.01 -1.86
CA VAL A 172 -17.80 12.81 -2.67
C VAL A 172 -19.03 11.94 -2.94
N SER A 173 -20.25 12.41 -2.66
CA SER A 173 -21.46 11.60 -2.86
CA SER A 173 -21.47 11.62 -2.87
C SER A 173 -21.92 11.73 -4.32
N ASN A 174 -21.11 11.21 -5.22
CA ASN A 174 -21.29 11.25 -6.67
C ASN A 174 -21.09 9.83 -7.24
N SER A 175 -21.63 9.63 -8.43
CA SER A 175 -21.57 8.34 -9.13
C SER A 175 -21.21 8.52 -10.60
N PHE A 176 -20.56 7.51 -11.14
CA PHE A 176 -20.42 7.35 -12.59
C PHE A 176 -21.75 6.86 -13.16
N PHE A 177 -22.10 7.29 -14.37
CA PHE A 177 -23.33 6.82 -15.02
C PHE A 177 -23.07 6.50 -16.48
N VAL A 178 -23.94 5.63 -16.98
CA VAL A 178 -24.11 5.29 -18.40
C VAL A 178 -25.60 5.37 -18.70
N THR A 179 -26.01 6.12 -19.70
CA THR A 179 -27.43 6.20 -20.10
C THR A 179 -27.56 6.15 -21.60
N ILE A 180 -28.77 5.74 -22.01
CA ILE A 180 -29.29 6.02 -23.38
C ILE A 180 -30.65 6.71 -23.20
N ASP A 181 -31.15 7.24 -24.29
CA ASP A 181 -32.48 7.82 -24.35
C ASP A 181 -33.49 6.67 -24.31
N GLY A 182 -34.36 6.68 -23.29
CA GLY A 182 -35.31 5.58 -23.07
C GLY A 182 -36.37 5.44 -24.13
N ALA A 183 -36.70 6.52 -24.82
CA ALA A 183 -37.66 6.43 -25.94
C ALA A 183 -36.96 5.75 -27.13
N ALA A 184 -35.77 6.24 -27.52
CA ALA A 184 -35.00 5.60 -28.59
C ALA A 184 -34.66 4.14 -28.23
N GLY A 185 -34.47 3.89 -26.95
CA GLY A 185 -33.98 2.62 -26.45
C GLY A 185 -35.04 1.66 -25.91
N ALA A 186 -36.29 2.01 -26.03
CA ALA A 186 -37.37 1.19 -25.44
C ALA A 186 -37.29 -0.23 -26.04
N GLY A 187 -37.32 -1.24 -25.17
CA GLY A 187 -37.26 -2.63 -25.64
C GLY A 187 -35.86 -3.16 -25.94
N GLN A 188 -34.81 -2.37 -25.77
CA GLN A 188 -33.46 -2.83 -26.14
C GLN A 188 -32.79 -3.62 -25.00
N THR A 189 -31.87 -4.49 -25.37
CA THR A 189 -30.94 -5.12 -24.39
C THR A 189 -29.51 -4.93 -24.89
N ILE A 190 -28.63 -4.48 -24.02
CA ILE A 190 -27.20 -4.32 -24.33
C ILE A 190 -26.42 -5.08 -23.24
N ASN A 191 -25.39 -5.81 -23.64
CA ASN A 191 -24.45 -6.44 -22.70
C ASN A 191 -23.21 -5.53 -22.58
N PHE A 192 -22.76 -5.33 -21.33
CA PHE A 192 -21.57 -4.51 -21.04
C PHE A 192 -20.55 -5.30 -20.27
N ALA A 193 -19.30 -4.93 -20.41
CA ALA A 193 -18.22 -5.58 -19.65
C ALA A 193 -17.08 -4.59 -19.48
N MET A 194 -16.20 -4.92 -18.52
CA MET A 194 -14.90 -4.23 -18.40
C MET A 194 -15.06 -2.71 -18.46
N PHE A 195 -15.75 -2.19 -17.46
CA PHE A 195 -15.85 -0.73 -17.27
C PHE A 195 -14.61 -0.19 -16.60
N SER A 196 -14.35 1.10 -16.80
CA SER A 196 -13.25 1.75 -16.08
C SER A 196 -13.44 3.27 -16.04
N LEU A 197 -13.08 3.90 -14.93
CA LEU A 197 -13.00 5.34 -14.84
C LEU A 197 -11.77 5.72 -14.05
N PHE A 198 -10.88 6.46 -14.69
CA PHE A 198 -9.64 6.93 -14.04
C PHE A 198 -9.59 8.43 -13.94
N PRO A 199 -9.11 8.97 -12.81
CA PRO A 199 -8.69 10.37 -12.73
C PRO A 199 -7.30 10.52 -13.31
N PRO A 200 -6.72 11.74 -13.33
CA PRO A 200 -5.30 11.84 -13.59
C PRO A 200 -4.52 10.97 -12.61
N THR A 201 -3.41 10.39 -13.01
CA THR A 201 -2.65 9.48 -12.17
C THR A 201 -1.31 10.06 -11.75
N PHE A 202 -0.73 9.49 -10.71
CA PHE A 202 0.65 9.81 -10.29
C PHE A 202 1.59 9.63 -11.47
N LYS A 203 2.39 10.63 -11.76
CA LYS A 203 3.38 10.61 -12.85
C LYS A 203 2.72 10.31 -14.19
N ASN A 204 1.40 10.54 -14.30
CA ASN A 204 0.67 10.30 -15.57
CA ASN A 204 0.70 10.33 -15.60
C ASN A 204 0.91 8.89 -16.10
N ARG A 205 1.03 7.92 -15.21
CA ARG A 205 1.21 6.55 -15.68
C ARG A 205 -0.12 5.95 -16.09
N PRO A 206 -0.18 5.31 -17.28
CA PRO A 206 -1.34 4.57 -17.66
C PRO A 206 -1.53 3.45 -16.61
N ASN A 207 -2.75 3.25 -16.33
CA ASN A 207 -3.20 2.27 -15.36
C ASN A 207 -2.57 2.49 -13.97
N GLY A 208 -2.32 3.75 -13.63
CA GLY A 208 -1.50 4.07 -12.47
C GLY A 208 -2.31 4.41 -11.21
N LEU A 209 -1.67 5.22 -10.38
CA LEU A 209 -1.97 5.29 -8.94
C LEU A 209 -2.60 6.65 -8.55
N ARG A 210 -3.37 6.62 -7.49
CA ARG A 210 -4.07 7.79 -6.96
C ARG A 210 -3.06 8.80 -6.42
N ALA A 211 -3.13 10.02 -6.89
CA ALA A 211 -2.08 11.03 -6.66
C ALA A 211 -1.88 11.38 -5.18
N ASP A 212 -2.92 11.74 -4.45
CA ASP A 212 -2.70 12.17 -3.06
C ASP A 212 -2.07 11.03 -2.21
N ILE A 213 -2.53 9.82 -2.39
CA ILE A 213 -1.98 8.69 -1.63
C ILE A 213 -0.54 8.45 -2.08
N ALA A 214 -0.29 8.36 -3.39
CA ALA A 214 1.06 8.08 -3.87
C ALA A 214 2.03 9.15 -3.33
N GLU A 215 1.62 10.42 -3.42
CA GLU A 215 2.49 11.52 -2.94
C GLU A 215 2.75 11.42 -1.46
N THR A 216 1.74 11.01 -0.68
CA THR A 216 1.88 10.82 0.77
C THR A 216 2.90 9.72 1.07
N LEU A 217 2.85 8.61 0.36
CA LEU A 217 3.84 7.56 0.57
C LEU A 217 5.20 8.10 0.24
N ALA A 218 5.36 8.79 -0.88
CA ALA A 218 6.67 9.35 -1.21
C ALA A 218 7.14 10.37 -0.17
N GLU A 219 6.24 11.10 0.45
CA GLU A 219 6.55 12.13 1.50
C GLU A 219 7.30 11.58 2.66
N MET A 220 7.05 10.35 3.07
N MET A 220 7.03 10.31 2.94
CA MET A 220 7.70 9.84 4.28
CA MET A 220 7.56 9.63 4.12
C MET A 220 9.09 9.29 3.96
C MET A 220 9.05 9.37 3.96
N GLY A 221 9.63 9.47 2.76
CA GLY A 221 10.99 9.06 2.44
C GLY A 221 11.32 7.60 2.60
N PRO A 222 10.44 6.69 2.13
CA PRO A 222 10.74 5.26 2.23
C PRO A 222 11.85 4.85 1.28
N SER A 223 12.55 3.80 1.65
CA SER A 223 13.64 3.24 0.82
C SER A 223 13.21 1.93 0.14
N PHE A 224 12.21 1.26 0.65
CA PHE A 224 11.79 -0.04 0.08
C PHE A 224 10.29 -0.15 0.22
N PHE A 225 9.77 -1.11 -0.53
CA PHE A 225 8.32 -1.44 -0.57
C PHE A 225 8.19 -2.96 -0.56
N ARG A 226 7.71 -3.52 0.52
CA ARG A 226 7.47 -4.98 0.68
C ARG A 226 6.09 -5.30 0.11
N PHE A 227 5.97 -6.29 -0.77
CA PHE A 227 4.71 -6.55 -1.47
C PHE A 227 4.79 -7.92 -2.11
N PRO A 228 3.69 -8.57 -2.54
CA PRO A 228 2.29 -8.11 -2.41
C PRO A 228 1.61 -8.60 -1.14
N GLY A 229 2.36 -9.16 -0.20
CA GLY A 229 1.82 -9.49 1.10
C GLY A 229 2.86 -10.25 1.89
N GLY A 230 2.61 -10.49 3.20
CA GLY A 230 1.32 -10.31 3.84
C GLY A 230 0.38 -11.49 3.50
N ASN A 231 -0.73 -11.54 4.28
CA ASN A 231 -1.71 -12.60 4.06
C ASN A 231 -2.26 -12.61 2.66
N ASN A 232 -2.41 -11.43 2.02
CA ASN A 232 -3.03 -11.38 0.68
C ASN A 232 -2.19 -12.10 -0.39
N LEU A 233 -0.93 -12.42 -0.12
CA LEU A 233 -0.13 -13.27 -1.02
C LEU A 233 -0.65 -14.70 -1.05
N GLU A 234 -1.08 -15.20 0.12
CA GLU A 234 -1.16 -16.63 0.39
C GLU A 234 -2.37 -17.32 -0.24
N GLY A 235 -3.49 -16.62 -0.35
CA GLY A 235 -4.76 -17.31 -0.68
C GLY A 235 -5.32 -18.08 0.47
N GLN A 236 -6.57 -18.49 0.32
CA GLN A 236 -7.22 -19.41 1.26
C GLN A 236 -6.89 -20.88 0.92
N THR A 237 -6.64 -21.11 -0.34
CA THR A 237 -6.33 -22.42 -0.93
C THR A 237 -5.26 -22.22 -1.98
N THR A 238 -4.66 -23.30 -2.46
CA THR A 238 -3.67 -23.19 -3.54
C THR A 238 -4.28 -22.41 -4.69
N ALA A 239 -5.52 -22.71 -5.07
CA ALA A 239 -6.13 -22.09 -6.24
C ALA A 239 -6.41 -20.60 -6.12
N THR A 240 -6.45 -20.09 -4.92
CA THR A 240 -6.75 -18.68 -4.67
C THR A 240 -5.52 -17.85 -4.29
N ARG A 241 -4.33 -18.42 -4.39
CA ARG A 241 -3.08 -17.69 -4.13
C ARG A 241 -2.90 -16.52 -5.13
N TRP A 242 -2.06 -15.58 -4.73
CA TRP A 242 -1.66 -14.53 -5.68
C TRP A 242 -0.76 -15.20 -6.75
N GLN A 243 -0.96 -14.82 -8.00
CA GLN A 243 -0.16 -15.30 -9.15
C GLN A 243 0.30 -14.13 -9.97
N TRP A 244 1.59 -14.00 -10.21
CA TRP A 244 2.11 -12.79 -10.87
C TRP A 244 1.55 -12.62 -12.28
N ASN A 245 1.44 -13.70 -13.02
CA ASN A 245 1.15 -13.62 -14.45
C ASN A 245 -0.29 -13.22 -14.70
N ALA A 246 -1.18 -13.47 -13.74
CA ALA A 246 -2.57 -13.06 -13.80
C ALA A 246 -2.72 -11.57 -13.54
N THR A 247 -1.64 -10.89 -13.20
CA THR A 247 -1.60 -9.46 -12.88
C THR A 247 -0.92 -8.58 -13.93
N VAL A 248 -0.47 -9.20 -15.01
CA VAL A 248 0.29 -8.47 -16.06
CA VAL A 248 0.33 -8.54 -16.05
C VAL A 248 -0.43 -8.60 -17.40
N GLY A 249 -0.20 -7.60 -18.20
CA GLY A 249 -0.81 -7.55 -19.55
C GLY A 249 -2.10 -6.79 -19.57
N SER A 250 -2.85 -6.94 -20.64
CA SER A 250 -4.12 -6.24 -20.77
C SER A 250 -5.05 -6.50 -19.62
N LEU A 251 -5.82 -5.49 -19.23
CA LEU A 251 -6.87 -5.74 -18.22
C LEU A 251 -7.87 -6.78 -18.70
N LEU A 252 -8.00 -6.93 -20.01
CA LEU A 252 -8.93 -7.97 -20.55
C LEU A 252 -8.48 -9.39 -20.17
N ASP A 253 -7.20 -9.57 -19.81
CA ASP A 253 -6.64 -10.88 -19.50
C ASP A 253 -6.38 -11.07 -18.00
N ARG A 254 -6.84 -10.18 -17.13
CA ARG A 254 -6.58 -10.29 -15.68
C ARG A 254 -7.88 -10.79 -15.01
N PRO A 255 -7.94 -12.06 -14.57
CA PRO A 255 -9.19 -12.58 -14.04
C PRO A 255 -9.59 -12.06 -12.70
N GLY A 256 -8.66 -11.49 -11.94
CA GLY A 256 -8.91 -11.13 -10.56
C GLY A 256 -8.89 -12.33 -9.65
N ARG A 257 -8.98 -12.10 -8.33
CA ARG A 257 -8.98 -13.19 -7.37
C ARG A 257 -9.65 -12.69 -6.11
N VAL A 258 -10.24 -13.62 -5.38
CA VAL A 258 -10.70 -13.35 -4.02
C VAL A 258 -9.49 -13.28 -3.12
N GLY A 259 -9.29 -12.13 -2.48
CA GLY A 259 -8.17 -11.96 -1.57
C GLY A 259 -8.50 -12.45 -0.16
N ASP A 260 -7.67 -12.06 0.78
CA ASP A 260 -7.76 -12.62 2.11
C ASP A 260 -8.43 -11.69 3.12
N TRP A 261 -9.13 -10.66 2.62
CA TRP A 261 -9.72 -9.60 3.46
C TRP A 261 -11.18 -9.33 3.12
N GLY A 262 -11.84 -10.33 2.50
CA GLY A 262 -13.28 -10.31 2.30
C GLY A 262 -13.75 -9.75 0.99
N TYR A 263 -12.85 -9.30 0.11
CA TYR A 263 -13.24 -8.68 -1.17
C TYR A 263 -12.43 -9.19 -2.34
N VAL A 264 -13.04 -9.03 -3.50
CA VAL A 264 -12.39 -9.31 -4.78
C VAL A 264 -11.29 -8.29 -5.07
N ASN A 265 -10.14 -8.80 -5.48
CA ASN A 265 -9.08 -7.97 -6.07
C ASN A 265 -9.20 -8.06 -7.59
N THR A 266 -9.17 -6.88 -8.23
CA THR A 266 -9.18 -6.83 -9.70
C THR A 266 -7.86 -7.32 -10.30
N ASP A 267 -6.77 -7.19 -9.54
CA ASP A 267 -5.39 -7.35 -10.03
C ASP A 267 -5.06 -6.29 -11.06
N GLY A 268 -5.83 -5.18 -11.12
CA GLY A 268 -5.41 -4.02 -11.87
C GLY A 268 -4.14 -3.41 -11.33
N LEU A 269 -3.97 -3.47 -10.02
CA LEU A 269 -2.71 -3.13 -9.37
C LEU A 269 -1.87 -4.40 -9.45
N GLY A 270 -1.10 -4.53 -10.53
CA GLY A 270 -0.34 -5.73 -10.81
C GLY A 270 1.16 -5.49 -10.82
N LEU A 271 1.91 -6.55 -11.13
CA LEU A 271 3.36 -6.51 -10.92
C LEU A 271 3.99 -5.31 -11.64
N LEU A 272 3.63 -5.03 -12.90
CA LEU A 272 4.31 -3.91 -13.57
C LEU A 272 3.91 -2.58 -12.95
N GLU A 273 2.68 -2.41 -12.50
CA GLU A 273 2.28 -1.15 -11.85
C GLU A 273 3.06 -0.93 -10.56
N TYR A 274 3.25 -2.01 -9.78
CA TYR A 274 4.11 -1.92 -8.58
C TYR A 274 5.52 -1.46 -8.98
N LEU A 275 6.12 -2.16 -9.92
CA LEU A 275 7.51 -1.86 -10.27
C LEU A 275 7.69 -0.45 -10.81
N GLN A 276 6.74 0.02 -11.60
CA GLN A 276 6.81 1.40 -12.13
C GLN A 276 6.74 2.39 -10.96
N PHE A 277 5.90 2.13 -9.97
CA PHE A 277 5.82 3.03 -8.80
C PHE A 277 7.16 3.08 -8.05
N PHE A 278 7.84 1.94 -7.96
CA PHE A 278 9.17 1.92 -7.31
C PHE A 278 10.16 2.80 -8.08
N GLU A 279 10.17 2.62 -9.41
CA GLU A 279 11.01 3.44 -10.26
C GLU A 279 10.66 4.93 -10.06
N ASP A 280 9.39 5.25 -9.96
CA ASP A 280 8.92 6.65 -9.87
C ASP A 280 9.21 7.30 -8.52
N THR A 281 9.49 6.53 -7.49
CA THR A 281 9.71 7.03 -6.13
C THR A 281 11.11 6.79 -5.62
N GLY A 282 11.93 6.07 -6.32
CA GLY A 282 13.25 5.64 -5.83
C GLY A 282 13.23 4.56 -4.78
N MET A 283 12.10 3.92 -4.55
CA MET A 283 12.06 2.76 -3.66
C MET A 283 12.59 1.51 -4.37
N GLU A 284 13.12 0.57 -3.60
CA GLU A 284 13.42 -0.75 -4.14
C GLU A 284 12.47 -1.78 -3.53
N PRO A 285 12.16 -2.86 -4.28
CA PRO A 285 11.25 -3.87 -3.76
C PRO A 285 11.88 -4.79 -2.75
N ILE A 286 11.02 -5.24 -1.81
CA ILE A 286 11.21 -6.52 -1.10
C ILE A 286 10.06 -7.38 -1.57
N MET A 287 10.29 -8.22 -2.58
CA MET A 287 9.21 -8.90 -3.27
C MET A 287 9.01 -10.31 -2.71
N ALA A 288 7.78 -10.62 -2.32
CA ALA A 288 7.44 -11.96 -1.84
C ALA A 288 7.05 -12.86 -3.03
N VAL A 289 7.41 -14.15 -2.83
CA VAL A 289 6.94 -15.24 -3.69
C VAL A 289 6.13 -16.21 -2.86
N TRP A 290 5.07 -16.74 -3.47
CA TRP A 290 4.27 -17.80 -2.86
C TRP A 290 5.11 -19.04 -2.69
N ALA A 291 4.94 -19.73 -1.55
CA ALA A 291 5.92 -20.76 -1.13
C ALA A 291 5.28 -22.10 -0.78
N GLY A 292 4.12 -22.39 -1.32
CA GLY A 292 3.51 -23.73 -1.13
C GLY A 292 2.60 -23.87 0.05
N TYR A 293 2.18 -22.77 0.67
CA TYR A 293 1.23 -22.74 1.81
C TYR A 293 0.14 -21.73 1.58
N SER A 294 -1.07 -22.07 1.97
CA SER A 294 -2.19 -21.13 1.96
C SER A 294 -2.93 -21.17 3.29
N LEU A 295 -3.79 -20.16 3.52
CA LEU A 295 -4.21 -19.84 4.88
C LEU A 295 -5.24 -20.83 5.44
N GLY A 296 -5.82 -21.69 4.60
CA GLY A 296 -6.64 -22.80 5.13
C GLY A 296 -5.82 -23.93 5.69
N GLY A 297 -4.49 -23.79 5.75
CA GLY A 297 -3.66 -24.78 6.43
C GLY A 297 -3.01 -25.82 5.57
N THR A 298 -3.25 -25.79 4.25
CA THR A 298 -2.66 -26.81 3.35
C THR A 298 -1.27 -26.41 2.89
N SER A 299 -0.32 -27.28 3.15
CA SER A 299 1.02 -27.24 2.54
C SER A 299 1.03 -28.19 1.35
N LEU A 300 1.53 -27.76 0.23
CA LEU A 300 1.80 -28.71 -0.86
C LEU A 300 2.86 -29.71 -0.42
N ALA A 301 2.69 -30.94 -0.84
CA ALA A 301 3.69 -31.97 -0.60
C ALA A 301 4.98 -31.58 -1.32
N GLU A 302 6.12 -32.11 -0.82
CA GLU A 302 7.38 -31.79 -1.46
C GLU A 302 7.36 -32.15 -2.94
N ASN A 303 6.80 -33.29 -3.29
CA ASN A 303 6.82 -33.75 -4.70
C ASN A 303 5.82 -33.00 -5.57
N GLN A 304 5.14 -31.99 -5.05
CA GLN A 304 4.22 -31.14 -5.83
C GLN A 304 4.79 -29.74 -6.10
N LEU A 305 5.95 -29.41 -5.52
CA LEU A 305 6.41 -28.01 -5.53
C LEU A 305 6.95 -27.55 -6.88
N ALA A 306 7.49 -28.40 -7.73
CA ALA A 306 8.28 -27.95 -8.89
C ALA A 306 7.57 -26.91 -9.73
N PRO A 307 6.29 -27.05 -10.10
CA PRO A 307 5.68 -26.03 -10.96
C PRO A 307 5.56 -24.65 -10.28
N TYR A 308 5.41 -24.65 -8.97
CA TYR A 308 5.28 -23.42 -8.19
C TYR A 308 6.63 -22.75 -8.00
N ILE A 309 7.69 -23.56 -7.89
CA ILE A 309 9.06 -23.03 -7.89
C ILE A 309 9.33 -22.36 -9.25
N GLN A 310 8.93 -23.04 -10.36
CA GLN A 310 9.15 -22.41 -11.66
C GLN A 310 8.34 -21.12 -11.78
N GLN A 311 7.12 -21.08 -11.23
CA GLN A 311 6.31 -19.83 -11.31
C GLN A 311 7.02 -18.70 -10.58
N ALA A 312 7.68 -19.01 -9.45
CA ALA A 312 8.43 -17.97 -8.74
C ALA A 312 9.66 -17.52 -9.53
N ILE A 313 10.36 -18.45 -10.20
CA ILE A 313 11.43 -18.06 -11.13
C ILE A 313 10.91 -17.14 -12.24
N ASP A 314 9.77 -17.50 -12.81
CA ASP A 314 9.14 -16.67 -13.85
C ASP A 314 8.86 -15.27 -13.33
N GLN A 315 8.30 -15.17 -12.11
CA GLN A 315 8.01 -13.87 -11.49
C GLN A 315 9.26 -12.99 -11.39
N ILE A 316 10.33 -13.60 -10.92
CA ILE A 316 11.60 -12.86 -10.77
C ILE A 316 12.16 -12.49 -12.15
N ASN A 317 12.09 -13.40 -13.11
CA ASN A 317 12.56 -13.05 -14.47
C ASN A 317 11.77 -11.90 -15.06
N PHE A 318 10.48 -11.79 -14.79
CA PHE A 318 9.71 -10.64 -15.26
C PHE A 318 10.39 -9.36 -14.75
N VAL A 319 10.82 -9.32 -13.50
CA VAL A 319 11.39 -8.13 -12.85
C VAL A 319 12.76 -7.82 -13.45
N ILE A 320 13.66 -8.83 -13.52
CA ILE A 320 15.11 -8.58 -13.73
C ILE A 320 15.72 -9.28 -14.95
N GLY A 321 15.01 -10.22 -15.56
CA GLY A 321 15.71 -11.07 -16.54
C GLY A 321 16.05 -10.32 -17.81
N ASP A 322 17.02 -10.85 -18.52
CA ASP A 322 17.35 -10.39 -19.89
C ASP A 322 16.21 -10.79 -20.80
N PRO A 323 15.60 -9.84 -21.52
CA PRO A 323 14.50 -10.19 -22.43
C PRO A 323 14.80 -11.26 -23.47
N ALA A 324 16.07 -11.40 -23.81
CA ALA A 324 16.45 -12.39 -24.85
C ALA A 324 16.43 -13.80 -24.28
N LYS A 325 16.33 -13.98 -22.96
CA LYS A 325 16.63 -15.29 -22.31
C LYS A 325 15.41 -15.95 -21.67
N SER A 326 14.30 -15.26 -21.53
CA SER A 326 13.11 -15.88 -20.94
C SER A 326 11.86 -15.20 -21.48
N ALA A 327 10.76 -15.94 -21.47
CA ALA A 327 9.47 -15.38 -21.86
C ALA A 327 9.00 -14.28 -20.90
N PRO A 328 9.09 -14.44 -19.58
CA PRO A 328 8.64 -13.35 -18.71
C PRO A 328 9.44 -12.06 -18.93
N ALA A 329 10.74 -12.17 -19.13
CA ALA A 329 11.53 -10.94 -19.37
C ALA A 329 11.13 -10.36 -20.72
N ALA A 330 10.94 -11.17 -21.74
CA ALA A 330 10.49 -10.66 -23.05
C ALA A 330 9.17 -9.95 -22.90
N LEU A 331 8.31 -10.45 -22.01
CA LEU A 331 7.01 -9.86 -21.77
C LEU A 331 7.16 -8.46 -21.15
N ARG A 332 8.04 -8.31 -20.15
CA ARG A 332 8.32 -7.00 -19.57
C ARG A 332 8.72 -6.04 -20.68
N ALA A 333 9.63 -6.43 -21.56
CA ALA A 333 10.06 -5.60 -22.68
C ALA A 333 8.84 -5.24 -23.54
N SER A 334 8.03 -6.21 -23.91
CA SER A 334 6.88 -5.99 -24.79
C SER A 334 5.91 -4.95 -24.21
N LEU A 335 5.86 -4.87 -22.89
CA LEU A 335 5.00 -3.94 -22.16
C LEU A 335 5.67 -2.59 -21.94
N GLY A 336 6.81 -2.34 -22.56
CA GLY A 336 7.39 -1.01 -22.60
C GLY A 336 8.55 -0.77 -21.68
N HIS A 337 9.04 -1.79 -20.98
CA HIS A 337 10.15 -1.58 -20.01
C HIS A 337 11.23 -2.63 -20.19
N PRO A 338 11.97 -2.57 -21.32
CA PRO A 338 13.01 -3.56 -21.52
C PRO A 338 14.13 -3.58 -20.47
N GLU A 339 14.44 -2.43 -19.86
CA GLU A 339 15.50 -2.42 -18.82
C GLU A 339 15.01 -3.25 -17.63
N PRO A 340 15.89 -3.99 -16.95
CA PRO A 340 15.51 -4.64 -15.70
C PRO A 340 15.17 -3.59 -14.64
N PHE A 341 14.32 -3.97 -13.73
CA PHE A 341 14.11 -3.19 -12.49
C PHE A 341 15.10 -3.63 -11.42
N THR A 342 15.28 -2.82 -10.41
CA THR A 342 16.07 -3.17 -9.23
C THR A 342 15.36 -4.33 -8.48
N LEU A 343 16.12 -5.35 -8.05
CA LEU A 343 15.55 -6.37 -7.12
C LEU A 343 16.72 -7.03 -6.38
N ARG A 344 16.85 -6.74 -5.10
CA ARG A 344 17.92 -7.26 -4.26
C ARG A 344 17.43 -8.27 -3.24
N PHE A 345 16.13 -8.28 -2.94
CA PHE A 345 15.56 -9.01 -1.79
C PHE A 345 14.27 -9.71 -2.24
N VAL A 346 14.17 -11.00 -1.93
CA VAL A 346 12.98 -11.79 -2.17
C VAL A 346 12.60 -12.51 -0.88
N GLU A 347 11.32 -12.40 -0.51
CA GLU A 347 10.83 -13.07 0.70
C GLU A 347 10.09 -14.35 0.32
N VAL A 348 10.42 -15.45 1.03
CA VAL A 348 9.91 -16.78 0.63
C VAL A 348 8.68 -17.06 1.49
N GLY A 349 7.49 -16.80 0.94
CA GLY A 349 6.25 -17.02 1.68
C GLY A 349 5.86 -15.82 2.53
N ASN A 350 4.89 -16.06 3.41
CA ASN A 350 4.47 -15.06 4.42
C ASN A 350 4.14 -15.83 5.69
N GLU A 351 4.77 -15.41 6.81
CA GLU A 351 4.37 -15.94 8.14
C GLU A 351 4.33 -17.47 8.10
N ASP A 352 5.44 -18.09 7.65
CA ASP A 352 5.50 -19.56 7.60
C ASP A 352 5.76 -20.15 8.99
N PHE A 353 5.94 -19.29 10.03
CA PHE A 353 5.88 -19.82 11.39
C PHE A 353 4.57 -20.52 11.69
N PHE A 354 3.50 -20.21 10.95
CA PHE A 354 2.22 -20.93 11.13
C PHE A 354 2.20 -22.29 10.46
N ALA A 355 3.20 -22.57 9.60
CA ALA A 355 3.31 -23.83 8.81
C ALA A 355 4.75 -24.33 8.88
N ALA A 356 5.30 -24.34 10.10
CA ALA A 356 6.71 -24.66 10.28
C ALA A 356 7.05 -26.13 10.10
N GLY A 357 6.04 -27.01 10.12
CA GLY A 357 6.29 -28.43 9.84
C GLY A 357 6.71 -28.68 8.43
N SER A 358 6.23 -27.91 7.48
CA SER A 358 6.60 -28.05 6.05
C SER A 358 7.60 -27.00 5.58
N TYR A 359 7.72 -25.89 6.27
CA TYR A 359 8.61 -24.84 5.75
C TYR A 359 10.02 -25.35 5.52
N PRO A 360 10.62 -26.24 6.35
CA PRO A 360 11.99 -26.65 6.03
C PRO A 360 12.18 -27.17 4.60
N TYR A 361 11.30 -28.04 4.11
CA TYR A 361 11.45 -28.55 2.75
C TYR A 361 11.02 -27.51 1.73
N ARG A 362 10.00 -26.70 2.06
CA ARG A 362 9.56 -25.66 1.12
C ARG A 362 10.68 -24.60 0.92
N TRP A 363 11.17 -24.07 2.03
CA TRP A 363 12.34 -23.17 1.97
C TRP A 363 13.50 -23.86 1.26
N HIS A 364 13.87 -25.08 1.64
CA HIS A 364 15.03 -25.70 0.99
C HIS A 364 14.83 -25.77 -0.51
N ASP A 365 13.69 -26.25 -0.94
CA ASP A 365 13.54 -26.51 -2.39
C ASP A 365 13.38 -25.18 -3.17
N PHE A 366 12.60 -24.24 -2.63
CA PHE A 366 12.51 -22.93 -3.28
C PHE A 366 13.83 -22.25 -3.31
N VAL A 367 14.52 -22.09 -2.19
CA VAL A 367 15.73 -21.26 -2.19
C VAL A 367 16.86 -21.98 -2.96
N THR A 368 16.97 -23.31 -2.86
CA THR A 368 18.04 -23.97 -3.63
C THR A 368 17.86 -23.61 -5.13
N ALA A 369 16.62 -23.74 -5.63
CA ALA A 369 16.34 -23.45 -7.05
C ALA A 369 16.51 -21.97 -7.37
N LEU A 370 15.88 -21.11 -6.56
CA LEU A 370 15.89 -19.68 -6.87
CA LEU A 370 15.89 -19.67 -6.83
C LEU A 370 17.28 -19.06 -6.69
N GLN A 371 18.00 -19.47 -5.65
CA GLN A 371 19.36 -18.90 -5.48
C GLN A 371 20.27 -19.36 -6.64
N ALA A 372 20.10 -20.57 -7.15
CA ALA A 372 20.96 -21.01 -8.28
C ALA A 372 20.62 -20.19 -9.52
N GLN A 373 19.37 -19.83 -9.73
CA GLN A 373 19.01 -18.96 -10.88
C GLN A 373 19.46 -17.54 -10.64
N PHE A 374 19.43 -17.09 -9.43
CA PHE A 374 19.68 -15.68 -9.06
C PHE A 374 20.66 -15.59 -7.89
N PRO A 375 21.94 -15.86 -8.16
CA PRO A 375 22.95 -15.93 -7.07
C PRO A 375 23.07 -14.61 -6.32
N GLN A 376 22.68 -13.50 -6.97
CA GLN A 376 22.85 -12.13 -6.43
C GLN A 376 21.69 -11.69 -5.53
N ILE A 377 20.58 -12.42 -5.45
CA ILE A 377 19.42 -12.04 -4.62
C ILE A 377 19.56 -12.55 -3.20
N ARG A 378 19.17 -11.74 -2.22
CA ARG A 378 19.15 -12.18 -0.83
C ARG A 378 17.75 -12.67 -0.48
N PHE A 379 17.63 -13.92 -0.06
CA PHE A 379 16.36 -14.55 0.26
C PHE A 379 16.05 -14.46 1.74
N ILE A 380 14.82 -14.08 2.07
CA ILE A 380 14.39 -13.82 3.46
C ILE A 380 13.42 -14.93 3.91
N ALA A 381 13.73 -15.56 5.04
CA ALA A 381 12.91 -16.60 5.65
C ALA A 381 11.83 -15.97 6.54
N THR A 382 10.72 -16.71 6.70
CA THR A 382 9.58 -16.16 7.39
C THR A 382 9.15 -16.95 8.62
N THR A 383 9.78 -18.09 8.90
CA THR A 383 9.59 -18.76 10.17
C THR A 383 10.21 -17.92 11.32
N ASN A 384 9.90 -18.33 12.53
CA ASN A 384 10.57 -17.69 13.68
C ASN A 384 12.07 -17.97 13.57
N ALA A 385 12.88 -17.03 13.96
CA ALA A 385 14.32 -17.16 13.71
C ALA A 385 14.86 -18.41 14.35
N TRP A 386 15.50 -19.24 13.54
CA TRP A 386 16.32 -20.40 13.95
C TRP A 386 15.55 -21.59 14.47
N ASN A 387 14.24 -21.55 14.47
CA ASN A 387 13.41 -22.67 14.97
C ASN A 387 12.16 -22.73 14.10
N PRO A 388 12.11 -23.61 13.08
CA PRO A 388 13.01 -24.72 12.86
C PRO A 388 14.29 -24.28 12.18
N VAL A 389 15.26 -25.18 12.21
CA VAL A 389 16.56 -24.95 11.57
C VAL A 389 16.45 -25.18 10.06
N LEU A 390 16.75 -24.17 9.26
CA LEU A 390 16.62 -24.20 7.82
C LEU A 390 17.91 -24.46 7.08
N SER A 391 17.79 -25.09 5.90
CA SER A 391 18.89 -25.32 4.97
C SER A 391 18.39 -24.93 3.60
N PRO A 392 19.09 -24.06 2.83
CA PRO A 392 20.32 -23.38 3.24
C PRO A 392 20.10 -22.42 4.40
N VAL A 393 21.19 -22.06 5.05
CA VAL A 393 21.18 -21.10 6.19
C VAL A 393 20.63 -19.78 5.66
N PRO A 394 19.52 -19.27 6.25
CA PRO A 394 18.97 -18.00 5.81
C PRO A 394 19.94 -16.87 6.08
N GLN A 395 20.09 -15.99 5.07
CA GLN A 395 20.85 -14.75 5.32
C GLN A 395 20.03 -13.72 6.05
N SER A 396 18.72 -13.79 5.99
CA SER A 396 17.82 -12.83 6.65
C SER A 396 16.56 -13.53 7.14
N TYR A 397 15.96 -12.97 8.17
CA TYR A 397 14.64 -13.34 8.68
C TYR A 397 13.75 -12.09 8.75
N ASP A 398 12.45 -12.27 8.50
CA ASP A 398 11.40 -11.28 8.65
C ASP A 398 10.70 -11.52 10.00
N VAL A 399 10.76 -10.53 10.87
CA VAL A 399 10.14 -10.55 12.23
C VAL A 399 8.94 -9.62 12.24
N HIS A 400 7.79 -10.11 12.72
CA HIS A 400 6.56 -9.30 12.83
C HIS A 400 6.17 -9.18 14.29
N VAL A 401 5.71 -8.01 14.73
CA VAL A 401 5.15 -7.88 16.10
C VAL A 401 4.02 -6.84 16.13
N TYR A 402 2.92 -7.22 16.69
CA TYR A 402 1.79 -6.35 17.05
C TYR A 402 1.62 -6.40 18.55
N GLN A 403 1.64 -5.23 19.21
CA GLN A 403 1.75 -5.20 20.68
C GLN A 403 1.17 -3.90 21.22
N THR A 404 1.29 -3.68 22.53
CA THR A 404 0.82 -2.45 23.14
C THR A 404 1.87 -1.36 22.99
N PRO A 405 1.45 -0.08 23.10
CA PRO A 405 2.47 0.99 23.11
C PRO A 405 3.58 0.78 24.14
N THR A 406 3.18 0.32 25.34
CA THR A 406 4.13 0.11 26.43
C THR A 406 5.14 -0.99 26.05
N TRP A 407 4.62 -2.08 25.47
CA TRP A 407 5.58 -3.13 25.05
C TRP A 407 6.66 -2.55 24.15
N PHE A 408 6.31 -1.68 23.22
CA PHE A 408 7.29 -1.15 22.27
C PHE A 408 8.40 -0.38 22.99
N TYR A 409 8.09 0.50 23.95
CA TYR A 409 9.20 1.18 24.64
C TYR A 409 9.98 0.22 25.53
N GLN A 410 9.28 -0.74 26.14
CA GLN A 410 9.88 -1.73 27.03
C GLN A 410 10.81 -2.66 26.26
N ASN A 411 10.64 -2.79 24.94
CA ASN A 411 11.39 -3.78 24.14
C ASN A 411 12.28 -3.07 23.12
N ALA A 412 12.70 -1.85 23.39
CA ALA A 412 13.64 -1.13 22.52
C ALA A 412 15.02 -1.78 22.48
N PHE A 413 15.34 -2.65 23.41
CA PHE A 413 16.59 -3.44 23.38
C PHE A 413 16.40 -4.82 22.78
N TYR A 414 15.35 -5.03 22.02
CA TYR A 414 15.04 -6.34 21.41
C TYR A 414 16.29 -6.92 20.71
N TYR A 415 16.98 -6.12 19.91
CA TYR A 415 18.09 -6.61 19.06
C TYR A 415 19.47 -6.49 19.71
N ASP A 416 19.59 -5.81 20.84
CA ASP A 416 20.95 -5.55 21.40
C ASP A 416 21.69 -6.85 21.73
N GLY A 417 20.99 -7.85 22.25
CA GLY A 417 21.64 -9.08 22.64
C GLY A 417 21.75 -10.11 21.54
N PHE A 418 21.29 -9.80 20.31
CA PHE A 418 21.41 -10.77 19.23
C PHE A 418 22.86 -10.96 18.86
N GLN A 419 23.17 -12.16 18.43
CA GLN A 419 24.52 -12.41 17.88
C GLN A 419 24.70 -11.66 16.56
N ARG A 420 25.93 -11.23 16.31
CA ARG A 420 26.42 -10.64 15.06
C ARG A 420 27.14 -11.78 14.32
N ASN A 421 26.38 -12.59 13.60
CA ASN A 421 26.89 -13.84 12.96
C ASN A 421 26.54 -13.86 11.48
N GLY A 422 26.34 -12.67 10.87
CA GLY A 422 26.11 -12.57 9.42
C GLY A 422 24.64 -12.53 9.04
N THR A 423 23.77 -12.77 9.97
CA THR A 423 22.34 -12.74 9.70
C THR A 423 21.84 -11.30 9.81
N THR A 424 20.98 -10.88 8.90
CA THR A 424 20.32 -9.61 9.04
C THR A 424 18.81 -9.83 9.23
N TYR A 425 18.16 -8.83 9.80
CA TYR A 425 16.77 -8.91 10.25
C TYR A 425 15.95 -7.81 9.65
N PHE A 426 14.79 -8.19 9.18
CA PHE A 426 13.80 -7.26 8.57
C PHE A 426 12.61 -7.24 9.53
N GLU A 427 12.28 -6.08 10.12
CA GLU A 427 11.09 -5.94 10.94
C GLU A 427 9.94 -5.60 9.98
N GLY A 428 9.45 -6.63 9.27
CA GLY A 428 8.60 -6.39 8.11
C GLY A 428 7.18 -5.97 8.41
N GLU A 429 6.73 -6.20 9.66
CA GLU A 429 5.46 -5.67 10.12
C GLU A 429 5.64 -5.35 11.61
N TYR A 430 5.26 -4.15 11.99
CA TYR A 430 5.11 -3.83 13.41
C TYR A 430 4.12 -2.69 13.55
N ALA A 431 3.45 -2.67 14.72
CA ALA A 431 2.59 -1.57 15.11
C ALA A 431 2.13 -1.78 16.53
N ALA A 432 1.95 -0.68 17.26
CA ALA A 432 1.25 -0.69 18.56
C ALA A 432 -0.25 -0.58 18.27
N ILE A 433 -1.00 -1.64 18.55
CA ILE A 433 -2.38 -1.77 18.02
C ILE A 433 -3.47 -1.63 19.08
N SER A 434 -3.14 -1.76 20.37
CA SER A 434 -4.14 -1.87 21.42
C SER A 434 -3.46 -1.58 22.73
N THR A 435 -4.23 -1.13 23.71
CA THR A 435 -3.73 -1.04 25.07
C THR A 435 -4.06 -2.28 25.91
N ASN A 436 -4.72 -3.29 25.33
CA ASN A 436 -5.14 -4.48 26.07
C ASN A 436 -4.20 -5.66 25.77
N ALA A 437 -3.24 -5.87 26.65
CA ALA A 437 -2.20 -6.87 26.43
C ALA A 437 -2.80 -8.26 26.25
N ASN A 438 -3.92 -8.58 26.88
CA ASN A 438 -4.52 -9.93 26.84
C ASN A 438 -5.55 -10.10 25.74
N ASP A 439 -5.86 -9.07 24.96
CA ASP A 439 -6.85 -9.15 23.85
C ASP A 439 -6.45 -8.16 22.76
N LEU A 440 -5.24 -8.25 22.31
CA LEU A 440 -4.66 -7.25 21.39
C LEU A 440 -5.44 -7.11 20.10
N PHE A 441 -6.05 -8.22 19.66
CA PHE A 441 -6.79 -8.26 18.40
C PHE A 441 -8.27 -8.06 18.59
N GLY A 442 -8.68 -7.52 19.72
CA GLY A 442 -10.10 -7.24 20.01
C GLY A 442 -10.65 -5.98 19.44
N THR A 443 -11.76 -5.56 20.04
CA THR A 443 -12.53 -4.41 19.57
C THR A 443 -12.01 -3.09 20.17
N VAL A 444 -12.48 -1.97 19.65
CA VAL A 444 -12.20 -0.62 20.21
C VAL A 444 -12.70 -0.57 21.65
N ALA A 445 -13.87 -1.14 21.94
CA ALA A 445 -14.39 -1.10 23.32
C ALA A 445 -13.47 -1.82 24.29
N ASP A 446 -12.71 -2.80 23.82
CA ASP A 446 -11.75 -3.60 24.62
C ASP A 446 -10.31 -3.16 24.32
N GLY A 447 -10.07 -1.91 23.92
CA GLY A 447 -8.72 -1.31 23.94
C GLY A 447 -8.04 -1.22 22.57
N ARG A 448 -8.64 -1.76 21.51
CA ARG A 448 -8.05 -1.63 20.18
C ARG A 448 -8.04 -0.19 19.72
N LEU A 449 -6.94 0.21 19.06
CA LEU A 449 -6.86 1.59 18.55
C LEU A 449 -7.55 1.66 17.20
N ALA A 450 -8.55 2.54 17.06
CA ALA A 450 -9.20 2.80 15.78
C ALA A 450 -8.23 3.51 14.80
N PHE A 451 -7.37 4.39 15.35
CA PHE A 451 -6.33 5.11 14.62
C PHE A 451 -5.11 5.16 15.52
N PRO A 452 -3.92 5.32 14.95
CA PRO A 452 -2.74 5.52 15.78
C PRO A 452 -2.98 6.73 16.72
N THR A 453 -2.35 6.69 17.88
CA THR A 453 -2.43 7.75 18.88
C THR A 453 -1.02 8.32 19.12
N VAL A 454 -0.97 9.39 19.89
CA VAL A 454 0.35 9.92 20.31
C VAL A 454 1.07 8.83 21.11
N GLN A 455 0.33 8.16 22.01
CA GLN A 455 0.89 7.07 22.81
C GLN A 455 1.50 5.99 21.90
N SER A 456 0.75 5.55 20.90
CA SER A 456 1.24 4.41 20.09
C SER A 456 2.43 4.85 19.25
N ALA A 457 2.42 6.04 18.65
CA ALA A 457 3.51 6.54 17.82
C ALA A 457 4.77 6.71 18.65
N THR A 458 4.61 7.22 19.89
CA THR A 458 5.82 7.46 20.72
C THR A 458 6.43 6.15 21.19
N GLY A 459 5.62 5.14 21.53
CA GLY A 459 6.14 3.82 21.89
C GLY A 459 6.83 3.23 20.68
N GLU A 460 6.23 3.28 19.51
CA GLU A 460 6.88 2.81 18.29
C GLU A 460 8.21 3.54 18.07
N ALA A 461 8.26 4.85 18.25
CA ALA A 461 9.47 5.62 18.05
C ALA A 461 10.54 5.15 19.02
N ALA A 462 10.22 4.83 20.25
CA ALA A 462 11.23 4.31 21.18
C ALA A 462 11.78 2.98 20.65
N PHE A 463 10.90 2.10 20.21
CA PHE A 463 11.36 0.82 19.63
C PHE A 463 12.24 1.09 18.40
N MET A 464 11.90 2.07 17.57
CA MET A 464 12.68 2.39 16.35
C MET A 464 14.07 2.92 16.71
N THR A 465 14.26 3.61 17.83
CA THR A 465 15.60 4.01 18.21
C THR A 465 16.49 2.76 18.40
N GLY A 466 15.90 1.67 18.90
CA GLY A 466 16.64 0.42 19.04
C GLY A 466 16.90 -0.21 17.66
N LEU A 467 15.93 -0.18 16.75
CA LEU A 467 16.17 -0.67 15.38
C LEU A 467 17.39 0.06 14.78
N GLU A 468 17.43 1.37 14.99
CA GLU A 468 18.50 2.18 14.41
C GLU A 468 19.83 1.91 15.08
N ARG A 469 19.85 1.84 16.42
CA ARG A 469 21.12 1.47 17.13
C ARG A 469 21.65 0.12 16.64
N ASN A 470 20.72 -0.84 16.46
CA ASN A 470 21.06 -2.22 16.02
C ASN A 470 21.04 -2.38 14.51
N SER A 471 21.21 -1.30 13.76
CA SER A 471 21.13 -1.35 12.27
C SER A 471 22.38 -1.94 11.62
N ASP A 472 23.35 -2.38 12.42
CA ASP A 472 24.38 -3.29 11.90
C ASP A 472 23.76 -4.60 11.49
N ILE A 473 22.73 -5.07 12.18
CA ILE A 473 22.03 -6.34 11.85
C ILE A 473 20.59 -6.09 11.39
N VAL A 474 19.90 -5.04 11.81
CA VAL A 474 18.57 -4.71 11.33
C VAL A 474 18.73 -3.91 10.04
N PHE A 475 18.30 -4.47 8.90
CA PHE A 475 18.51 -3.81 7.63
C PHE A 475 17.29 -3.07 7.11
N ALA A 476 16.10 -3.34 7.64
CA ALA A 476 14.84 -2.81 7.06
C ALA A 476 13.75 -2.96 8.12
N ALA A 477 12.80 -2.05 8.10
CA ALA A 477 11.69 -2.03 9.07
C ALA A 477 10.52 -1.28 8.45
N SER A 478 9.31 -1.85 8.59
CA SER A 478 8.08 -1.24 8.07
C SER A 478 6.91 -1.46 9.00
N TYR A 479 6.18 -0.38 9.26
CA TYR A 479 4.88 -0.42 9.97
C TYR A 479 3.85 -1.20 9.13
N ALA A 480 2.87 -1.81 9.78
CA ALA A 480 1.78 -2.39 9.00
C ALA A 480 0.48 -2.35 9.75
N PRO A 481 -0.67 -2.28 9.06
CA PRO A 481 -0.79 -1.98 7.63
C PRO A 481 -0.48 -0.51 7.32
N LEU A 482 -0.18 -0.27 6.03
CA LEU A 482 0.15 1.04 5.48
C LEU A 482 -1.09 1.89 5.31
N LEU A 483 -2.17 1.32 4.75
CA LEU A 483 -3.26 2.12 4.21
C LEU A 483 -4.60 1.63 4.70
N GLN A 484 -5.55 2.56 4.77
CA GLN A 484 -6.92 2.27 5.21
C GLN A 484 -7.96 3.15 4.53
N HIS A 485 -8.91 2.52 3.84
CA HIS A 485 -10.13 3.22 3.39
C HIS A 485 -11.05 3.26 4.58
N VAL A 486 -11.36 4.46 5.07
CA VAL A 486 -12.18 4.57 6.30
C VAL A 486 -13.59 4.05 6.12
N ASN A 487 -14.04 3.83 4.89
CA ASN A 487 -15.38 3.26 4.68
C ASN A 487 -15.36 1.77 4.49
N SER A 488 -14.20 1.10 4.50
CA SER A 488 -14.13 -0.37 4.37
C SER A 488 -12.83 -0.86 5.00
N THR A 489 -12.92 -1.09 6.31
CA THR A 489 -11.81 -1.44 7.17
C THR A 489 -11.90 -2.86 7.74
N GLN A 490 -10.85 -3.62 7.58
CA GLN A 490 -10.70 -4.96 8.17
C GLN A 490 -9.66 -5.03 9.31
N TRP A 491 -8.86 -4.01 9.46
CA TRP A 491 -7.79 -4.00 10.48
C TRP A 491 -7.49 -2.55 10.88
N THR A 492 -7.32 -2.26 12.16
CA THR A 492 -6.81 -0.98 12.65
C THR A 492 -5.74 -1.31 13.68
N PRO A 493 -4.89 -0.33 14.04
CA PRO A 493 -4.72 0.95 13.36
C PRO A 493 -3.86 0.82 12.10
N ASP A 494 -3.94 1.84 11.25
CA ASP A 494 -3.25 1.90 9.96
C ASP A 494 -2.44 3.19 9.81
N LEU A 495 -1.39 3.15 9.01
CA LEU A 495 -0.51 4.31 8.95
C LEU A 495 -1.12 5.56 8.29
N VAL A 496 -1.80 5.35 7.19
CA VAL A 496 -2.40 6.43 6.40
C VAL A 496 -3.82 6.04 6.08
N SER A 497 -4.79 6.94 6.33
CA SER A 497 -6.19 6.65 6.07
C SER A 497 -6.72 7.61 5.02
N TYR A 498 -7.86 7.28 4.43
CA TYR A 498 -8.44 8.15 3.40
C TYR A 498 -9.88 7.76 3.18
N ASP A 499 -10.62 8.70 2.58
CA ASP A 499 -11.90 8.36 1.95
C ASP A 499 -11.76 8.65 0.44
N ALA A 500 -12.88 8.75 -0.28
CA ALA A 500 -12.77 8.97 -1.73
C ALA A 500 -12.12 10.31 -2.08
N GLY A 501 -12.05 11.25 -1.15
CA GLY A 501 -11.57 12.59 -1.48
C GLY A 501 -10.33 13.11 -0.80
N SER A 502 -9.94 12.54 0.35
CA SER A 502 -8.91 13.15 1.18
C SER A 502 -8.15 12.09 1.95
N VAL A 503 -6.97 12.50 2.42
CA VAL A 503 -6.02 11.63 3.12
C VAL A 503 -5.82 12.16 4.57
N ILE A 504 -5.64 11.24 5.49
CA ILE A 504 -5.37 11.49 6.90
C ILE A 504 -4.01 10.89 7.22
N LYS A 505 -3.07 11.72 7.62
CA LYS A 505 -1.72 11.28 8.00
C LYS A 505 -1.73 11.07 9.52
N SER A 506 -1.50 9.85 9.96
CA SER A 506 -1.59 9.49 11.39
C SER A 506 -0.40 10.04 12.19
N THR A 507 -0.55 9.96 13.51
CA THR A 507 0.59 10.18 14.41
C THR A 507 1.78 9.26 14.08
N SER A 508 1.46 7.98 13.85
CA SER A 508 2.49 7.01 13.50
C SER A 508 3.14 7.32 12.15
N PHE A 509 2.36 7.85 11.19
CA PHE A 509 2.96 8.30 9.92
C PHE A 509 4.01 9.34 10.19
N PHE A 510 3.71 10.33 11.05
CA PHE A 510 4.70 11.38 11.32
C PHE A 510 5.92 10.81 12.03
N ALA A 511 5.76 9.85 12.92
CA ALA A 511 6.95 9.21 13.52
C ALA A 511 7.78 8.51 12.45
N GLN A 512 7.13 7.77 11.57
CA GLN A 512 7.86 7.10 10.48
C GLN A 512 8.59 8.12 9.62
N LYS A 513 7.92 9.20 9.23
CA LYS A 513 8.55 10.24 8.40
C LYS A 513 9.71 10.91 9.12
N LEU A 514 9.54 11.25 10.37
CA LEU A 514 10.62 11.89 11.14
C LEU A 514 11.84 10.97 11.18
N PHE A 515 11.64 9.67 11.34
CA PHE A 515 12.79 8.77 11.40
C PHE A 515 13.44 8.62 10.04
N ALA A 516 12.65 8.44 8.99
CA ALA A 516 13.17 8.14 7.66
C ALA A 516 13.79 9.34 6.97
N LEU A 517 13.24 10.53 7.16
CA LEU A 517 13.79 11.72 6.46
C LEU A 517 14.99 12.32 7.19
N ASN A 518 15.29 11.91 8.38
CA ASN A 518 16.34 12.48 9.23
C ASN A 518 17.26 11.33 9.69
N LYS A 519 17.92 10.71 8.75
CA LYS A 519 18.67 9.46 8.95
C LYS A 519 20.01 9.55 8.19
N GLY A 520 21.06 9.55 8.92
CA GLY A 520 22.37 9.54 8.32
C GLY A 520 22.81 8.13 7.89
N ASP A 521 23.98 8.06 7.31
CA ASP A 521 24.64 6.82 6.90
C ASP A 521 25.65 6.34 7.92
N GLN A 522 25.91 7.13 8.97
CA GLN A 522 26.81 6.72 10.05
C GLN A 522 26.01 6.64 11.36
N TYR A 523 26.18 5.58 12.15
CA TYR A 523 25.61 5.48 13.49
C TYR A 523 26.63 5.99 14.51
N LEU A 524 26.24 6.97 15.30
CA LEU A 524 27.12 7.55 16.34
C LEU A 524 26.69 6.99 17.71
N PRO A 525 27.52 6.12 18.32
CA PRO A 525 27.15 5.61 19.64
C PRO A 525 26.98 6.77 20.64
N SER A 526 26.14 6.53 21.61
CA SER A 526 25.87 7.51 22.68
C SER A 526 25.61 6.75 23.96
N THR A 527 25.57 7.48 25.08
CA THR A 527 25.04 6.93 26.32
C THR A 527 23.82 6.08 26.04
N LEU A 528 23.74 4.88 26.60
CA LEU A 528 22.58 4.04 26.35
C LEU A 528 21.38 4.52 27.13
N PRO A 529 20.17 4.51 26.52
CA PRO A 529 18.96 4.64 27.30
C PRO A 529 18.83 3.56 28.37
N THR A 530 17.98 3.79 29.35
CA THR A 530 17.64 2.75 30.32
C THR A 530 16.82 1.64 29.63
N ASN A 531 17.26 0.43 29.78
CA ASN A 531 16.57 -0.74 29.23
C ASN A 531 15.28 -0.95 30.04
N GLY A 532 14.11 -0.70 29.42
CA GLY A 532 12.83 -0.73 30.07
C GLY A 532 12.26 0.63 30.38
N GLY A 533 13.05 1.66 30.20
CA GLY A 533 12.61 3.03 30.49
C GLY A 533 11.76 3.61 29.38
N THR A 534 11.20 4.80 29.66
CA THR A 534 10.33 5.51 28.70
C THR A 534 11.10 6.41 27.75
N LEU A 535 12.36 6.77 28.03
CA LEU A 535 13.06 7.80 27.27
C LEU A 535 14.17 7.16 26.47
N HIS A 536 14.14 7.32 25.13
CA HIS A 536 15.09 6.66 24.22
C HIS A 536 15.56 7.64 23.18
N TRP A 537 16.72 7.36 22.60
CA TRP A 537 17.27 8.23 21.55
C TRP A 537 18.18 7.41 20.66
N SER A 538 18.48 7.96 19.49
CA SER A 538 19.43 7.39 18.52
C SER A 538 20.00 8.52 17.68
N ILE A 539 21.30 8.49 17.43
CA ILE A 539 22.02 9.58 16.76
C ILE A 539 22.70 8.99 15.54
N THR A 540 22.46 9.63 14.40
CA THR A 540 23.13 9.29 13.13
C THR A 540 23.68 10.52 12.47
N ARG A 541 24.53 10.33 11.48
CA ARG A 541 25.24 11.43 10.79
CA ARG A 541 25.16 11.47 10.78
C ARG A 541 25.33 11.14 9.29
N ALA A 542 25.12 12.15 8.49
CA ALA A 542 25.36 12.09 7.06
C ALA A 542 26.84 12.34 6.79
N SER A 543 27.54 11.31 6.31
CA SER A 543 28.97 11.38 6.12
C SER A 543 29.41 12.56 5.23
N SER A 544 28.63 12.89 4.21
CA SER A 544 28.99 13.85 3.15
C SER A 544 28.86 15.28 3.70
N SER A 545 27.89 15.56 4.54
CA SER A 545 27.52 16.94 4.96
C SER A 545 27.86 17.22 6.43
N GLY A 546 27.96 16.17 7.26
CA GLY A 546 28.04 16.30 8.70
C GLY A 546 26.69 16.61 9.37
N LYS A 547 25.58 16.61 8.62
CA LYS A 547 24.25 16.76 9.25
C LYS A 547 24.07 15.59 10.22
N THR A 548 23.71 15.91 11.46
CA THR A 548 23.68 14.96 12.56
C THR A 548 22.28 15.00 13.17
N PHE A 549 21.63 13.86 13.19
CA PHE A 549 20.19 13.72 13.51
C PHE A 549 20.05 13.05 14.85
N ILE A 550 19.58 13.77 15.84
CA ILE A 550 19.35 13.29 17.21
C ILE A 550 17.88 13.04 17.36
N LYS A 551 17.47 11.77 17.37
CA LYS A 551 16.05 11.38 17.46
C LYS A 551 15.73 10.94 18.87
N ILE A 552 14.67 11.50 19.43
CA ILE A 552 14.37 11.33 20.86
C ILE A 552 12.90 10.96 21.02
N ALA A 553 12.64 9.84 21.66
CA ALA A 553 11.29 9.38 21.98
C ALA A 553 11.09 9.46 23.48
N ASN A 554 10.11 10.26 23.90
CA ASN A 554 9.63 10.24 25.29
C ASN A 554 8.28 9.55 25.26
N ALA A 555 8.25 8.24 25.57
CA ALA A 555 7.05 7.42 25.45
C ALA A 555 6.27 7.36 26.73
N GLY A 556 6.62 8.18 27.72
CA GLY A 556 6.01 8.22 29.04
C GLY A 556 5.26 9.53 29.32
N SER A 557 4.66 9.56 30.53
CA SER A 557 3.74 10.63 30.94
C SER A 557 4.40 11.83 31.61
N SER A 558 5.70 11.78 31.84
CA SER A 558 6.37 12.95 32.43
C SER A 558 7.46 13.48 31.46
N ALA A 559 7.56 14.79 31.40
CA ALA A 559 8.65 15.51 30.70
C ALA A 559 9.98 15.05 31.24
N GLN A 560 11.00 14.98 30.40
CA GLN A 560 12.35 14.64 30.81
C GLN A 560 13.38 15.50 30.08
N SER A 561 14.42 15.94 30.73
CA SER A 561 15.44 16.80 30.11
C SER A 561 16.68 15.96 29.75
N LEU A 562 17.31 16.31 28.65
CA LEU A 562 18.52 15.69 28.17
C LEU A 562 19.56 16.76 28.00
N THR A 563 20.74 16.53 28.54
CA THR A 563 21.89 17.39 28.33
C THR A 563 22.80 16.67 27.34
N PHE A 564 22.84 17.16 26.10
CA PHE A 564 23.70 16.58 25.07
C PHE A 564 25.09 17.12 25.17
N GLN A 565 26.06 16.21 25.19
CA GLN A 565 27.49 16.54 25.26
C GLN A 565 28.15 16.04 23.97
N LEU A 566 28.54 16.98 23.15
CA LEU A 566 29.19 16.77 21.84
C LEU A 566 30.61 17.35 21.88
N THR A 567 31.22 17.41 23.05
CA THR A 567 32.56 18.02 23.17
C THR A 567 33.65 17.17 22.51
N GLN A 568 33.41 15.90 22.17
CA GLN A 568 34.43 15.11 21.45
C GLN A 568 34.65 15.64 20.03
N PHE A 569 33.64 16.25 19.45
CA PHE A 569 33.73 16.71 18.05
C PHE A 569 34.66 17.92 17.94
N ASN A 570 35.20 18.10 16.75
CA ASN A 570 35.96 19.32 16.40
CA ASN A 570 35.98 19.32 16.45
C ASN A 570 35.06 20.56 16.39
N SER A 571 33.95 20.46 15.72
CA SER A 571 33.00 21.58 15.59
C SER A 571 31.58 21.09 15.66
N VAL A 572 30.68 21.90 16.22
CA VAL A 572 29.22 21.65 16.21
C VAL A 572 28.61 23.01 15.86
N SER A 573 27.62 23.02 14.99
CA SER A 573 26.90 24.24 14.65
C SER A 573 26.33 24.89 15.90
N SER A 574 26.23 26.25 15.82
CA SER A 574 25.71 27.10 16.92
C SER A 574 24.20 27.09 16.98
N THR A 575 23.55 26.67 15.88
CA THR A 575 22.10 26.49 15.83
C THR A 575 21.79 25.14 15.21
N GLY A 576 20.59 24.67 15.45
CA GLY A 576 20.07 23.43 14.88
C GLY A 576 18.58 23.58 14.62
N THR A 577 18.02 22.63 13.89
CA THR A 577 16.61 22.55 13.73
C THR A 577 16.01 21.58 14.76
N LEU A 578 14.77 21.87 15.16
CA LEU A 578 13.99 21.04 16.07
C LEU A 578 12.67 20.71 15.39
N GLN A 579 12.30 19.44 15.37
CA GLN A 579 10.98 18.98 14.88
C GLN A 579 10.37 18.17 15.99
N VAL A 580 9.14 18.50 16.39
CA VAL A 580 8.49 17.85 17.56
CA VAL A 580 8.54 17.73 17.49
C VAL A 580 7.08 17.41 17.18
N LEU A 581 6.77 16.17 17.46
CA LEU A 581 5.44 15.58 17.38
C LEU A 581 4.98 15.25 18.81
N THR A 582 3.92 15.86 19.27
CA THR A 582 3.46 15.63 20.65
C THR A 582 1.98 16.02 20.75
N GLY A 583 1.38 15.72 21.85
CA GLY A 583 -0.02 16.05 22.13
C GLY A 583 -0.51 15.15 23.25
N PRO A 584 -1.82 15.19 23.52
CA PRO A 584 -2.39 14.33 24.54
C PRO A 584 -2.12 12.87 24.19
N GLU A 585 -1.97 12.07 25.25
CA GLU A 585 -1.63 10.62 25.14
C GLU A 585 -2.52 9.90 24.10
N THR A 586 -3.84 10.09 24.21
CA THR A 586 -4.76 9.32 23.38
C THR A 586 -5.22 10.11 22.14
N ALA A 587 -4.62 11.25 21.83
CA ALA A 587 -5.03 12.01 20.66
C ALA A 587 -4.66 11.26 19.38
N SER A 588 -5.47 11.42 18.38
CA SER A 588 -5.37 10.80 17.03
CA SER A 588 -5.31 10.83 17.03
C SER A 588 -5.78 11.81 15.96
N ASN A 589 -5.30 11.60 14.76
CA ASN A 589 -5.85 12.25 13.56
C ASN A 589 -6.97 11.37 13.02
N THR A 590 -8.14 12.00 12.80
CA THR A 590 -9.35 11.26 12.39
C THR A 590 -9.99 11.97 11.23
N PRO A 591 -10.99 11.34 10.57
CA PRO A 591 -11.64 12.03 9.44
C PRO A 591 -12.26 13.37 9.87
N GLU A 592 -12.74 13.44 11.12
CA GLU A 592 -13.34 14.67 11.66
C GLU A 592 -12.29 15.75 12.02
N ALA A 593 -11.12 15.31 12.39
CA ALA A 593 -10.04 16.20 12.87
C ALA A 593 -8.73 15.67 12.27
N PRO A 594 -8.53 15.81 10.98
CA PRO A 594 -7.44 15.10 10.33
C PRO A 594 -6.06 15.69 10.59
N GLN A 595 -6.01 16.91 11.14
CA GLN A 595 -4.76 17.60 11.47
C GLN A 595 -4.73 17.99 12.94
N ALA A 596 -5.34 17.18 13.78
CA ALA A 596 -5.29 17.42 15.22
C ALA A 596 -3.86 17.43 15.72
N ILE A 597 -3.03 16.51 15.27
CA ILE A 597 -1.64 16.28 15.72
C ILE A 597 -0.69 16.32 14.54
N VAL A 598 0.07 17.40 14.42
CA VAL A 598 1.05 17.57 13.35
C VAL A 598 2.35 18.07 13.94
N PRO A 599 3.48 17.75 13.29
CA PRO A 599 4.76 18.17 13.84
C PRO A 599 4.93 19.69 13.76
N LYS A 600 5.74 20.22 14.64
CA LYS A 600 6.15 21.63 14.64
C LYS A 600 7.65 21.70 14.46
N THR A 601 8.09 22.57 13.57
CA THR A 601 9.49 22.79 13.25
C THR A 601 9.95 24.19 13.70
N SER A 602 11.14 24.24 14.25
CA SER A 602 11.74 25.50 14.72
C SER A 602 13.26 25.42 14.60
N THR A 603 13.92 26.53 14.91
CA THR A 603 15.39 26.59 15.08
C THR A 603 15.70 26.97 16.51
N ILE A 604 16.77 26.39 17.03
CA ILE A 604 17.19 26.53 18.43
C ILE A 604 18.70 26.73 18.48
N GLY A 605 19.16 27.27 19.60
CA GLY A 605 20.59 27.29 19.88
C GLY A 605 21.14 25.92 20.21
N THR A 606 22.35 25.57 19.79
N THR A 606 22.32 25.65 19.68
CA THR A 606 22.94 24.25 20.12
CA THR A 606 23.07 24.40 19.87
C THR A 606 24.37 24.43 20.69
C THR A 606 24.55 24.75 19.98
N GLY A 607 25.31 23.75 20.14
CA GLY A 607 26.75 23.86 20.27
C GLY A 607 27.23 22.57 20.85
N LYS A 608 28.43 22.59 21.40
CA LYS A 608 29.00 21.36 21.93
C LYS A 608 28.26 20.86 23.15
N THR A 609 27.54 21.73 23.85
CA THR A 609 26.70 21.31 24.97
C THR A 609 25.36 22.03 24.79
N PHE A 610 24.25 21.31 24.88
CA PHE A 610 22.93 21.95 24.84
C PHE A 610 21.93 21.06 25.53
N THR A 611 20.81 21.63 25.90
CA THR A 611 19.81 20.92 26.69
C THR A 611 18.48 20.94 25.96
N TYR A 612 17.77 19.83 25.99
CA TYR A 612 16.42 19.73 25.42
C TYR A 612 15.46 19.18 26.46
N ASN A 613 14.31 19.81 26.62
CA ASN A 613 13.25 19.30 27.48
C ASN A 613 12.26 18.54 26.61
N ALA A 614 12.27 17.23 26.70
CA ALA A 614 11.38 16.36 25.90
C ALA A 614 10.03 16.24 26.57
N PRO A 615 8.97 16.79 25.97
CA PRO A 615 7.66 16.68 26.59
C PRO A 615 7.23 15.25 26.78
N ALA A 616 6.35 15.01 27.76
CA ALA A 616 5.62 13.73 27.81
C ALA A 616 5.06 13.39 26.42
N PHE A 617 5.09 12.13 26.09
CA PHE A 617 4.49 11.62 24.85
C PHE A 617 4.96 12.46 23.67
N SER A 618 6.26 12.42 23.37
CA SER A 618 6.78 13.21 22.23
C SER A 618 7.80 12.41 21.41
N VAL A 619 7.88 12.77 20.14
CA VAL A 619 8.92 12.34 19.24
C VAL A 619 9.59 13.62 18.74
N SER A 620 10.90 13.74 18.91
CA SER A 620 11.65 14.95 18.56
C SER A 620 12.83 14.59 17.70
N VAL A 621 13.20 15.49 16.80
CA VAL A 621 14.45 15.36 16.02
C VAL A 621 15.17 16.70 16.11
N ILE A 622 16.41 16.66 16.58
CA ILE A 622 17.29 17.83 16.61
C ILE A 622 18.35 17.57 15.56
N THR A 623 18.54 18.50 14.60
CA THR A 623 19.55 18.37 13.55
C THR A 623 20.59 19.46 13.73
N VAL A 624 21.83 19.08 13.86
CA VAL A 624 22.97 20.01 13.94
C VAL A 624 23.98 19.56 12.89
N THR A 625 24.99 20.36 12.64
CA THR A 625 26.14 19.97 11.81
C THR A 625 27.32 19.68 12.73
N THR A 626 28.00 18.54 12.50
CA THR A 626 29.20 18.18 13.29
C THR A 626 30.35 17.80 12.35
N ASN A 627 31.57 18.03 12.82
CA ASN A 627 32.78 17.53 12.14
CA ASN A 627 32.76 17.48 12.16
CA ASN A 627 32.86 17.73 12.15
C ASN A 627 33.84 17.25 13.21
C1 NAG B . 23.41 -16.73 15.04
C2 NAG B . 23.28 -18.19 14.52
C3 NAG B . 22.07 -18.94 15.05
C4 NAG B . 21.79 -18.80 16.50
C5 NAG B . 21.91 -17.32 16.83
C6 NAG B . 21.81 -17.08 18.35
C7 NAG B . 24.49 -18.31 12.41
C8 NAG B . 24.45 -18.10 10.89
N2 NAG B . 23.37 -18.23 13.08
O3 NAG B . 22.12 -20.34 14.66
O4 NAG B . 20.48 -19.18 16.91
O5 NAG B . 23.16 -16.77 16.48
O6 NAG B . 22.76 -17.89 19.05
O7 NAG B . 25.54 -18.64 12.97
H1 NAG B . 22.63 -16.13 14.56
H2 NAG B . 24.15 -18.72 14.92
H3 NAG B . 21.21 -18.50 14.54
H4 NAG B . 22.55 -19.36 17.06
H5 NAG B . 21.11 -16.77 16.33
H61 NAG B . 20.80 -17.30 18.69
H62 NAG B . 22.02 -16.02 18.57
H81 NAG B . 24.11 -17.12 10.68
H82 NAG B . 25.43 -18.23 10.49
H83 NAG B . 23.80 -18.81 10.45
HN2 NAG B . 22.52 -18.04 12.57
HO3 NAG B . 21.27 -20.75 14.85
HO6 NAG B . 22.68 -17.73 20.00
C1 NAG B . 20.31 -20.45 17.48
C2 NAG B . 19.02 -20.48 18.28
C3 NAG B . 18.79 -21.84 18.84
C4 NAG B . 18.78 -22.80 17.66
C5 NAG B . 20.01 -22.62 16.74
C6 NAG B . 19.97 -23.48 15.44
C7 NAG B . 18.28 -18.43 19.39
C8 NAG B . 18.50 -17.51 20.60
N2 NAG B . 19.08 -19.45 19.34
O3 NAG B . 17.48 -21.85 19.44
O4 NAG B . 18.89 -24.16 18.09
O5 NAG B . 20.15 -21.28 16.33
O6 NAG B . 21.04 -23.30 14.48
O7 NAG B . 17.46 -18.13 18.54
H1 NAG B . 21.17 -20.76 18.10
H2 NAG B . 18.19 -20.25 17.60
H3 NAG B . 19.58 -22.11 19.56
H4 NAG B . 17.88 -22.64 17.07
H5 NAG B . 20.91 -22.92 17.31
H61 NAG B . 19.03 -23.26 14.93
H62 NAG B . 19.93 -24.53 15.73
H81 NAG B . 19.46 -17.09 20.55
H82 NAG B . 17.78 -16.74 20.58
H83 NAG B . 18.41 -18.07 21.49
HN2 NAG B . 19.75 -19.60 20.09
HO3 NAG B . 17.28 -22.75 19.74
HO6 NAG B . 20.90 -23.88 13.73
C1 BMA B . 17.70 -24.90 18.27
C2 BMA B . 18.08 -26.39 18.06
C3 BMA B . 16.88 -27.26 18.39
C4 BMA B . 16.35 -26.99 19.80
C5 BMA B . 16.12 -25.51 19.99
C6 BMA B . 15.79 -25.21 21.46
O2 BMA B . 19.22 -26.79 18.86
O3 BMA B . 17.25 -28.65 18.30
O4 BMA B . 15.18 -27.73 20.09
O5 BMA B . 17.30 -24.77 19.67
O6 BMA B . 15.25 -23.85 21.50
H1 BMA B . 16.91 -24.60 17.57
H2 BMA B . 18.33 -26.53 17.00
H3 BMA B . 16.08 -27.03 17.67
H4 BMA B . 17.13 -27.30 20.51
H5 BMA B . 15.28 -25.20 19.36
H61 BMA B . 16.70 -25.27 22.07
H62 BMA B . 15.06 -25.91 21.85
HO2 BMA B . 19.96 -26.22 18.66
HO4 BMA B . 15.34 -28.67 19.96
C1 MAN B . 15.03 -23.49 22.87
C2 MAN B . 14.32 -22.14 22.78
C3 MAN B . 15.26 -21.06 22.29
C4 MAN B . 16.57 -21.09 23.07
C5 MAN B . 17.17 -22.49 23.04
C6 MAN B . 18.43 -22.49 23.92
O2 MAN B . 13.79 -21.86 24.09
O3 MAN B . 14.65 -19.75 22.39
O4 MAN B . 17.47 -20.18 22.42
O5 MAN B . 16.20 -23.40 23.61
O6 MAN B . 19.01 -23.73 23.56
H1 MAN B . 14.36 -24.22 23.34
H2 MAN B . 13.49 -22.23 22.07
H3 MAN B . 15.50 -21.29 21.24
H4 MAN B . 16.39 -20.78 24.11
H5 MAN B . 17.43 -22.76 22.01
H61 MAN B . 18.17 -22.47 24.98
H62 MAN B . 19.10 -21.66 23.68
HO2 MAN B . 13.21 -22.58 24.36
HO4 MAN B . 17.10 -19.30 22.43
HO6 MAN B . 18.47 -24.18 22.89
C1 MAN B . 14.13 -19.27 21.11
C2 MAN B . 14.18 -17.75 21.17
C3 MAN B . 13.61 -17.20 22.45
C4 MAN B . 12.15 -17.60 22.49
C5 MAN B . 12.00 -19.06 22.10
C6 MAN B . 10.52 -19.26 21.92
O2 MAN B . 13.54 -17.26 19.99
O3 MAN B . 13.55 -15.81 22.28
O4 MAN B . 11.46 -17.38 23.79
O5 MAN B . 12.76 -19.70 20.94
O6 MAN B . 10.64 -20.62 21.29
H1 MAN B . 14.75 -19.61 20.26
H2 MAN B . 15.24 -17.46 21.14
H3 MAN B . 14.16 -17.52 23.34
H4 MAN B . 11.63 -16.99 21.74
H5 MAN B . 12.26 -19.62 23.01
H61 MAN B . 10.09 -18.52 21.25
H62 MAN B . 9.99 -19.29 22.86
HO2 MAN B . 13.99 -17.65 19.23
HO3 MAN B . 14.24 -15.35 22.22
HO4 MAN B . 11.53 -16.46 24.03
HO6 MAN B . 11.58 -20.88 21.22
C1 MAN B . 16.79 -29.29 17.12
C2 MAN B . 16.89 -30.79 17.33
C3 MAN B . 18.36 -31.30 17.40
C4 MAN B . 19.12 -30.79 16.21
C5 MAN B . 19.02 -29.26 16.08
C6 MAN B . 19.81 -28.73 14.83
O2 MAN B . 16.21 -31.46 16.23
O3 MAN B . 18.36 -32.71 17.36
O4 MAN B . 20.48 -31.21 16.30
O5 MAN B . 17.62 -28.91 16.03
O6 MAN B . 19.11 -29.17 13.64
H1 MAN B . 15.74 -29.02 16.91
H2 MAN B . 16.39 -31.04 18.27
H3 MAN B . 18.83 -30.92 18.32
H4 MAN B . 18.67 -31.24 15.30
H5 MAN B . 19.47 -28.82 16.97
H61 MAN B . 20.82 -29.12 14.83
H62 MAN B . 19.86 -27.64 14.86
HO2 MAN B . 15.38 -31.20 16.08
HO3 MAN B . 17.88 -33.06 18.11
HO4 MAN B . 20.54 -32.19 16.37
HO6 MAN B . 18.34 -29.68 13.89
C1 NAG C . -17.24 7.18 4.97
C2 NAG C . -18.76 7.50 5.03
C3 NAG C . -19.03 8.89 5.56
C4 NAG C . -18.23 9.15 6.86
C5 NAG C . -16.81 8.86 6.59
C6 NAG C . -15.84 9.15 7.78
C7 NAG C . -20.22 6.28 3.50
C8 NAG C . -20.70 6.29 2.08
N2 NAG C . -19.36 7.27 3.70
O3 NAG C . -20.44 9.03 5.80
O4 NAG C . -18.46 10.56 7.18
O5 NAG C . -16.68 7.48 6.22
O6 NAG C . -16.29 8.37 8.86
O7 NAG C . -20.65 5.50 4.32
H1 NAG C . -16.80 7.85 4.22
H2 NAG C . -19.20 6.79 5.74
H3 NAG C . -18.71 9.63 4.81
H4 NAG C . -18.61 8.49 7.66
H5 NAG C . -16.49 9.49 5.76
H61 NAG C . -15.86 10.21 8.04
H62 NAG C . -14.82 8.88 7.51
H81 NAG C . -19.89 6.25 1.42
H82 NAG C . -21.33 5.45 1.93
H83 NAG C . -21.26 7.18 1.91
HN2 NAG C . -19.08 7.88 2.95
HO3 NAG C . -20.63 9.93 6.10
HO6 NAG C . -15.72 8.51 9.62
C1 NAG C . -18.89 10.76 8.53
C2 NAG C . -18.71 12.25 8.84
C3 NAG C . -19.30 12.67 10.23
C4 NAG C . -20.76 12.21 10.33
C5 NAG C . -20.80 10.71 9.93
C6 NAG C . -22.16 10.07 9.98
C7 NAG C . -16.76 13.28 7.87
C8 NAG C . -15.30 13.62 8.10
N2 NAG C . -17.39 12.60 8.81
O3 NAG C . -19.19 14.07 10.50
O4 NAG C . -21.28 12.52 11.67
O5 NAG C . -20.21 10.43 8.58
O6 NAG C . -22.89 10.52 8.82
O7 NAG C . -17.39 13.68 6.87
H1 NAG C . -18.29 10.17 9.23
H2 NAG C . -19.26 12.82 8.07
H3 NAG C . -18.74 12.12 10.99
H4 NAG C . -21.34 12.78 9.58
H5 NAG C . -20.19 10.19 10.67
H61 NAG C . -22.69 10.36 10.90
H62 NAG C . -22.07 8.97 9.96
H81 NAG C . -14.71 12.73 8.05
H82 NAG C . -14.97 14.31 7.37
H83 NAG C . -15.19 14.05 9.07
HN2 NAG C . -16.83 12.31 9.60
HO3 NAG C . -19.54 14.19 11.41
HO4 NAG C . -22.20 12.28 11.78
HO6 NAG C . -23.76 10.12 8.78
C1 NAG D . -0.33 -18.15 -14.48
C2 NAG D . -1.59 -18.65 -15.16
C3 NAG D . -1.93 -20.05 -14.64
C4 NAG D . -0.74 -20.99 -14.80
C5 NAG D . 0.50 -20.37 -14.12
C6 NAG D . 1.78 -21.23 -14.34
C7 NAG D . -3.30 -17.12 -16.02
C8 NAG D . -4.45 -16.24 -15.71
N2 NAG D . -2.73 -17.75 -14.98
O3 NAG D . -3.09 -20.59 -15.34
O4 NAG D . -1.05 -22.22 -14.13
O5 NAG D . 0.75 -19.12 -14.73
O6 NAG D . 2.94 -20.68 -13.61
O7 NAG D . -2.96 -17.33 -17.13
H1 NAG D . -0.53 -18.09 -13.41
H2 NAG D . -1.38 -18.74 -16.24
H3 NAG D . -2.15 -19.97 -13.56
H4 NAG D . -0.53 -21.15 -15.88
H5 NAG D . 0.31 -20.26 -13.05
H61 NAG D . 2.01 -21.29 -15.40
H62 NAG D . 1.61 -22.25 -13.97
H81 NAG D . -4.12 -15.43 -15.11
H82 NAG D . -4.86 -15.87 -16.61
H83 NAG D . -5.18 -16.79 -15.17
HN2 NAG D . -3.06 -17.59 -14.04
HO3 NAG D . -3.31 -21.46 -14.96
HO6 NAG D . 3.71 -21.24 -13.77
C1 NAG D . -0.79 -23.40 -14.92
C2 NAG D . -0.79 -24.59 -13.99
C3 NAG D . -0.61 -25.89 -14.85
C4 NAG D . -1.57 -25.88 -16.02
C5 NAG D . -1.63 -24.61 -16.81
C6 NAG D . -2.72 -24.53 -17.91
C7 NAG D . 0.33 -23.97 -11.85
C8 NAG D . 1.59 -23.86 -11.09
N2 NAG D . 0.35 -24.49 -13.10
O3 NAG D . -0.71 -26.99 -14.01
O4 NAG D . -1.18 -26.95 -16.94
O5 NAG D . -1.84 -23.54 -15.87
O6 NAG D . -4.00 -24.57 -17.15
O7 NAG D . -0.65 -23.45 -11.32
H1 NAG D . 0.18 -23.34 -15.42
H2 NAG D . -1.73 -24.64 -13.43
H3 NAG D . 0.40 -25.87 -15.27
H4 NAG D . -2.58 -26.08 -15.62
H5 NAG D . -0.65 -24.47 -17.30
H61 NAG D . -2.64 -25.37 -18.59
H62 NAG D . -2.63 -23.60 -18.47
H81 NAG D . 2.30 -23.34 -11.69
H82 NAG D . 1.43 -23.32 -10.20
H83 NAG D . 1.94 -24.82 -10.87
HN2 NAG D . 1.24 -24.85 -13.43
HO3 NAG D . -0.52 -27.79 -14.52
HO6 NAG D . -4.75 -24.53 -17.76
C1 BMA D . -2.19 -27.93 -17.13
C2 BMA D . -1.85 -28.57 -18.45
C3 BMA D . -2.88 -29.69 -18.69
C4 BMA D . -3.30 -30.50 -17.45
C5 BMA D . -3.52 -29.47 -16.32
C6 BMA D . -4.15 -30.03 -15.07
O2 BMA D . -0.50 -29.09 -18.42
O3 BMA D . -2.44 -30.50 -19.82
O4 BMA D . -4.49 -31.30 -17.74
O5 BMA D . -2.24 -28.76 -16.01
O6 BMA D . -3.16 -31.05 -14.84
H1 BMA D . -3.15 -27.40 -17.27
H2 BMA D . -1.96 -27.82 -19.25
H3 BMA D . -3.80 -29.16 -18.99
H4 BMA D . -2.46 -31.16 -17.17
H5 BMA D . -4.26 -28.75 -16.70
H61 BMA D . -5.15 -30.44 -15.27
H62 BMA D . -4.18 -29.27 -14.29
HO2 BMA D . 0.10 -28.37 -18.28
HO4 BMA D . -4.26 -31.92 -18.33
HO6 BMA D . -2.50 -30.98 -15.54
C1 MAN D . -3.29 -30.29 -20.91
C2 MAN D . -2.96 -31.42 -21.93
C3 MAN D . -1.54 -31.16 -22.59
C4 MAN D . -1.50 -29.76 -23.25
C5 MAN D . -1.83 -28.74 -22.17
C6 MAN D . -1.98 -27.25 -22.76
O2 MAN D . -3.91 -31.39 -23.04
O3 MAN D . -1.24 -32.06 -23.66
O4 MAN D . -0.37 -29.26 -23.94
O5 MAN D . -3.13 -29.04 -21.54
O6 MAN D . -2.18 -26.44 -21.57
H1 MAN D . -4.33 -30.40 -20.59
H2 MAN D . -2.96 -32.40 -21.42
H3 MAN D . -0.76 -31.21 -21.82
H4 MAN D . -2.34 -29.73 -23.96
H5 MAN D . -1.03 -28.76 -21.42
H61 MAN D . -2.82 -27.19 -23.45
H62 MAN D . -1.06 -26.95 -23.28
HO3 MAN D . -1.26 -32.97 -23.33
HO4 MAN D . -0.11 -29.87 -24.64
HO6 MAN D . -2.19 -27.00 -20.78
C1 MAN D . -5.18 -31.97 -22.64
C2 MAN D . -5.86 -32.43 -23.94
C3 MAN D . -6.19 -31.22 -24.79
C4 MAN D . -7.04 -30.12 -23.99
C5 MAN D . -6.42 -29.82 -22.69
C6 MAN D . -7.34 -28.84 -21.90
O2 MAN D . -7.06 -33.15 -23.74
O3 MAN D . -6.88 -31.51 -25.93
O4 MAN D . -7.07 -28.91 -24.82
O5 MAN D . -6.07 -31.05 -22.01
O6 MAN D . -6.56 -28.38 -20.77
H1 MAN D . -5.03 -32.85 -21.99
H2 MAN D . -5.15 -33.06 -24.50
H3 MAN D . -5.24 -30.76 -25.07
H4 MAN D . -8.05 -30.49 -23.83
H5 MAN D . -5.49 -29.27 -22.89
H61 MAN D . -8.23 -29.37 -21.55
H62 MAN D . -7.64 -28.00 -22.52
HO2 MAN D . -6.89 -33.93 -23.20
HO3 MAN D . -6.40 -32.20 -26.43
HO4 MAN D . -7.46 -29.12 -25.67
HO6 MAN D . -5.65 -28.79 -20.88
C1 NAG E . -15.25 13.19 -25.25
C2 NAG E . -14.58 14.56 -25.06
C3 NAG E . -13.53 14.79 -26.18
C4 NAG E . -12.59 13.59 -26.25
C5 NAG E . -13.39 12.29 -26.41
C6 NAG E . -12.52 11.06 -26.47
C7 NAG E . -16.01 16.16 -23.92
C8 NAG E . -17.16 17.15 -24.10
N2 NAG E . -15.53 15.63 -25.07
O3 NAG E . -12.82 15.96 -25.84
O4 NAG E . -11.72 13.75 -27.42
O5 NAG E . -14.28 12.19 -25.30
O6 NAG E . -11.77 11.03 -25.28
O7 NAG E . -15.63 15.83 -22.78
H1 NAG E . -15.79 13.21 -26.21
H2 NAG E . -14.05 14.55 -24.10
H3 NAG E . -14.05 14.90 -27.14
H4 NAG E . -12.00 13.56 -25.33
H5 NAG E . -13.96 12.34 -27.35
H61 NAG E . -11.86 11.10 -27.35
H62 NAG E . -13.15 10.16 -26.55
H81 NAG E . -17.98 16.67 -24.58
H82 NAG E . -17.47 17.52 -23.16
H83 NAG E . -16.83 17.96 -24.70
HN2 NAG E . -15.87 15.94 -25.96
HO3 NAG E . -12.16 16.13 -26.53
HO6 NAG E . -11.19 10.25 -25.28
C1 NAG E . -10.35 13.73 -27.16
C2 NAG E . -9.62 13.45 -28.48
C3 NAG E . -8.13 13.66 -28.24
C4 NAG E . -7.89 15.05 -27.61
C5 NAG E . -8.71 15.20 -26.33
C6 NAG E . -8.61 16.57 -25.72
C7 NAG E . -10.91 11.88 -29.94
C8 NAG E . -11.10 10.43 -30.35
N2 NAG E . -9.97 12.14 -29.03
O3 NAG E . -7.42 13.59 -29.46
O4 NAG E . -6.50 15.23 -27.24
O5 NAG E . -10.09 15.04 -26.68
O6 NAG E . -8.96 17.43 -26.80
O7 NAG E . -11.60 12.79 -30.41
H1 NAG E . -10.09 12.96 -26.41
H2 NAG E . -9.94 14.22 -29.20
H3 NAG E . -7.78 12.89 -27.55
H4 NAG E . -8.19 15.81 -28.33
H5 NAG E . -8.40 14.44 -25.61
H61 NAG E . -7.60 16.76 -25.37
H62 NAG E . -9.31 16.69 -24.89
H81 NAG E . -11.35 9.86 -29.50
H82 NAG E . -11.87 10.36 -31.07
H83 NAG E . -10.20 10.06 -30.76
HN2 NAG E . -9.44 11.35 -28.67
HO3 NAG E . -6.46 13.67 -29.30
HO4 NAG E . -6.38 16.13 -26.89
HO6 NAG E . -8.92 18.33 -26.52
C1 GOL F . -2.82 -8.89 9.80
O1 GOL F . -2.56 -10.07 10.57
C2 GOL F . -1.53 -8.09 9.62
O2 GOL F . -0.63 -8.91 8.88
C3 GOL F . -1.84 -6.78 8.92
O3 GOL F . -0.72 -5.94 8.65
H11 GOL F . -3.49 -8.33 10.25
H12 GOL F . -3.17 -9.15 8.91
HO1 GOL F . -3.28 -10.49 10.65
H2 GOL F . -1.15 -7.89 10.50
HO2 GOL F . -0.41 -8.50 8.17
H31 GOL F . -2.48 -6.28 9.47
H32 GOL F . -2.28 -6.99 8.06
HO3 GOL F . -0.02 -6.32 8.95
C ACT G . 20.04 -14.11 18.18
O ACT G . 21.09 -13.85 17.63
OXT ACT G . 19.92 -14.08 19.44
CH3 ACT G . 18.82 -14.57 17.25
H1 ACT G . 18.02 -14.68 17.80
H2 ACT G . 19.04 -15.41 16.82
H3 ACT G . 18.65 -13.89 16.58
S SO4 H . 28.14 27.97 12.89
O1 SO4 H . 28.87 26.79 12.51
O2 SO4 H . 26.78 27.52 13.24
O3 SO4 H . 28.71 28.38 14.16
O4 SO4 H . 28.34 29.00 12.00
S SO4 I . -0.10 0.59 26.86
O1 SO4 I . -0.38 -0.79 27.14
O2 SO4 I . 0.85 0.65 25.78
O3 SO4 I . -1.30 1.28 26.47
O4 SO4 I . 0.45 1.21 28.03
S SO4 J . 13.66 6.29 32.09
O1 SO4 J . 13.88 6.19 30.65
O2 SO4 J . 12.41 5.63 32.45
O3 SO4 J . 13.56 7.69 32.52
O4 SO4 J . 14.71 5.66 32.83
S SO4 K . -37.74 -2.73 -36.31
O1 SO4 K . -38.58 -3.31 -37.31
O2 SO4 K . -36.97 -3.78 -35.68
O3 SO4 K . -38.48 -2.02 -35.33
O4 SO4 K . -36.86 -1.77 -36.94
S SO4 L . -40.95 -4.81 -21.07
O1 SO4 L . -41.81 -5.93 -21.19
O2 SO4 L . -40.28 -4.63 -22.30
O3 SO4 L . -40.00 -5.07 -20.01
O4 SO4 L . -41.71 -3.66 -20.75
S SO4 M . 22.72 11.69 34.81
O1 SO4 M . 22.10 10.44 35.23
O2 SO4 M . 22.99 11.60 33.51
O3 SO4 M . 21.82 12.78 35.09
O4 SO4 M . 23.96 11.91 35.50
S SO4 N . -30.99 0.14 -6.07
S SO4 N . -30.62 -1.10 -5.89
O1 SO4 N . -32.15 -0.27 -6.82
O1 SO4 N . -31.83 -2.07 -6.62
O2 SO4 N . -29.81 -0.62 -6.47
O2 SO4 N . -30.39 0.40 -6.23
O3 SO4 N . -31.26 -0.08 -4.66
O3 SO4 N . -29.46 -1.90 -6.26
O4 SO4 N . -30.79 1.58 -6.27
O4 SO4 N . -30.80 -1.28 -4.34
S SO4 O . -20.46 11.17 -32.19
O1 SO4 O . -20.89 11.88 -33.40
O2 SO4 O . -20.60 9.75 -32.36
O3 SO4 O . -21.20 11.69 -31.06
O4 SO4 O . -19.05 11.44 -31.98
S SO4 P . -32.26 17.27 -13.28
O1 SO4 P . -32.36 17.74 -14.57
O2 SO4 P . -31.41 16.09 -13.23
O3 SO4 P . -33.52 17.06 -12.66
O4 SO4 P . -31.54 18.28 -12.55
S SO4 Q . -5.41 -27.22 -1.83
O1 SO4 Q . -6.41 -27.35 -2.88
O2 SO4 Q . -4.03 -27.49 -2.50
O3 SO4 Q . -5.61 -28.23 -0.80
O4 SO4 Q . -5.58 -25.89 -1.32
S SO4 R . 22.62 -0.83 1.64
O1 SO4 R . 21.14 -0.73 1.51
O2 SO4 R . 23.32 -1.07 0.41
O3 SO4 R . 22.90 -1.99 2.57
O4 SO4 R . 23.03 0.37 2.36
C ACT S . 27.56 7.09 29.80
O ACT S . 27.40 5.73 29.78
OXT ACT S . 27.89 7.85 28.81
CH3 ACT S . 27.20 7.86 31.13
H1 ACT S . 27.34 8.82 30.98
H2 ACT S . 27.77 7.55 31.84
H3 ACT S . 26.27 7.70 31.34
C1 GOL T . -2.62 -20.00 8.98
O1 GOL T . -1.32 -19.65 8.49
C2 GOL T . -3.30 -18.94 9.82
O2 GOL T . -2.97 -17.64 9.32
C3 GOL T . -3.02 -19.03 11.32
O3 GOL T . -4.23 -18.98 12.07
H11 GOL T . -2.54 -20.82 9.50
H12 GOL T . -3.20 -20.19 8.20
HO1 GOL T . -1.03 -20.30 8.03
H2 GOL T . -4.27 -19.05 9.71
HO2 GOL T . -2.70 -17.17 9.99
H31 GOL T . -2.43 -18.28 11.59
H32 GOL T . -2.56 -19.87 11.51
HO3 GOL T . -4.88 -18.90 11.53
#